data_8Y04
#
_entry.id   8Y04
#
_cell.length_a   154.804
_cell.length_b   154.804
_cell.length_c   210.780
_cell.angle_alpha   90.000
_cell.angle_beta   90.000
_cell.angle_gamma   120.000
#
_symmetry.space_group_name_H-M   'P 31 2 1'
#
loop_
_entity.id
_entity.type
_entity.pdbx_description
1 polymer LbCas12a
2 polymer 'RNA (29-MER)'
3 polymer "DNA (5'-D(P*GP*AP*TP*GP*CP*GP*TP*AP*AP*AP*GP*GP*AP*CP*G)-3')"
4 polymer "DNA (5'-D(*CP*GP*TP*CP*CP*TP*TP*TP*AP*TP*T)-3')"
5 non-polymer 'MAGNESIUM ION'
#
loop_
_entity_poly.entity_id
_entity_poly.type
_entity_poly.pdbx_seq_one_letter_code
_entity_poly.pdbx_strand_id
1 'polypeptide(L)'
;MSKLEKFTNCYSLSKTLRFKAIPVGKTQENIDNKRLLVEDEKRAEDYKGVKKLLDRYYLSFINDVLHSIKLKNLNNYISL
FRKKTRTEKENKELENLEINLRKEIAKAFKGNEGYKSLFKKDIIETILPEFLDDKDEIALVNSFNGFTTAFTGFFDNREN
MFSEEAKSTSIAFRCINENLTRYISNMDIFEKVDAIFDKHEVQEIKEKILNSDYDVEDFFEGEFFNFVLTQEGIDVYNAI
IGGFVTESGEKIKGLNEYINLYNQKTKQKLPKFKPLYKQVLSDRESLSFYGEGYTSDEEVLEVFRNTLNKNSEIFSSIKK
LEKLFKNFDEYSSAGIFVKNGPAISTISKDIFGEWNVIRDKWNAEYDDIHLKKKAVVTEKYEDDRRKSFKKIGSFSLEQL
QEYADADLSVVEKLKEIIIQKVDEIYKVYGSSEKLFDADFVLEKSLKKNDAVVAIMKDLLDSVKSFENYIKAFFGEGKET
NRDESFYGDFVLAYDILLKVDHIYDAIRNYVTQKPYSKDKFKLYFQNPQFMGGWDKDKETDYRATILRYGSKYYLAIMDK
KYAKCLQKIDKDDVNGNYEKINYKLLPGPNKMLPKVFFSKKWMAYYNPSEDIQKIYKNGTFKKGDMFNLNDCHKLIDFFK
DSISRYPKWSNAYDFNFSETEKYKDIAGFYREVEEQGYKVSFESASKKEVDKLVEEGKLYMFQIYNKDFSDKSHGTPNLH
TMYFKLLFDENNHGQIRLSGGAELFMRRASLKKEELVVHPANSPIANKNPDNPKKTTTLSYDVYKDKRFSEDQYELHIPI
AINKCPKNIFKINTEVRVLLKHDDNPYVIGIDRGERNLLYIVVVDGKGNIVEQYSLNEIINNFNGIRIKTDYHSLLDKKE
KERFEARQNWTSIENIKELKAGYISQVVHKICELVEKYDAVIALEDLNSGFKNSRVKVEKQVYQKFEKMLIDKLNYMVDK
KSNPCATGGALKGYQITNKFESFKSMSTQNGFIFYIPAWLTSKIDPSTGFVNLLKTKYTSIADSKKFISSFDRIMYVPEE
DLFEFALDYKNFSRTDADYIKKWKLYSYGNRIRIFRNPKKNNVFDWEEVCLTSAYKELFNKYGINYQQGDIRALLCEQSD
KAFYSSFMALMSLMLQMRNSITGRTDVDFLISPVKNSDGIFYDSRNYEAQENAILPKNADANGAYNIARKVLWAIGQFKK
AEDEKLDKVKIAISNKEWLEYAQTSVKH
;
A
2 'polyribonucleotide' AAUUUCUACUAAGUGUAGAUCGCAUCCAGUAAAGCGGCAC B
3 'polydeoxyribonucleotide' (DG)(DA)(DT)(DG)(DC)(DG)(DT)(DA)(DA)(DA)(DG)(DG)(DA)(DC)(DG) C
4 'polydeoxyribonucleotide' (DC)(DG)(DT)(DC)(DC)(DT)(DT)(DT)(DA)(DT)(DT) D
#
loop_
_chem_comp.id
_chem_comp.type
_chem_comp.name
_chem_comp.formula
A RNA linking ADENOSINE-5'-MONOPHOSPHATE 'C10 H14 N5 O7 P'
C RNA linking CYTIDINE-5'-MONOPHOSPHATE 'C9 H14 N3 O8 P'
DA DNA linking 2'-DEOXYADENOSINE-5'-MONOPHOSPHATE 'C10 H14 N5 O6 P'
DC DNA linking 2'-DEOXYCYTIDINE-5'-MONOPHOSPHATE 'C9 H14 N3 O7 P'
DG DNA linking 2'-DEOXYGUANOSINE-5'-MONOPHOSPHATE 'C10 H14 N5 O7 P'
DT DNA linking THYMIDINE-5'-MONOPHOSPHATE 'C10 H15 N2 O8 P'
G RNA linking GUANOSINE-5'-MONOPHOSPHATE 'C10 H14 N5 O8 P'
MG non-polymer 'MAGNESIUM ION' 'Mg 2'
U RNA linking URIDINE-5'-MONOPHOSPHATE 'C9 H13 N2 O9 P'
#
# COMPACT_ATOMS: atom_id res chain seq x y z
N MET A 1 -7.76 -23.11 -27.85
CA MET A 1 -7.18 -23.37 -26.53
C MET A 1 -6.13 -22.31 -26.21
N SER A 2 -6.55 -21.31 -25.44
CA SER A 2 -5.67 -20.27 -24.94
C SER A 2 -6.14 -19.90 -23.54
N LYS A 3 -5.26 -20.02 -22.55
CA LYS A 3 -5.63 -19.70 -21.18
C LYS A 3 -6.07 -18.24 -21.06
N LEU A 4 -5.38 -17.33 -21.76
CA LEU A 4 -5.68 -15.90 -21.63
C LEU A 4 -7.08 -15.56 -22.11
N GLU A 5 -7.49 -16.12 -23.24
CA GLU A 5 -8.72 -15.66 -23.89
C GLU A 5 -9.99 -16.23 -23.28
N LYS A 6 -9.89 -17.00 -22.21
CA LYS A 6 -11.07 -17.41 -21.44
C LYS A 6 -11.44 -16.41 -20.36
N PHE A 7 -10.72 -15.31 -20.26
CA PHE A 7 -10.89 -14.32 -19.19
C PHE A 7 -11.25 -12.97 -19.80
N THR A 8 -12.42 -12.90 -20.43
CA THR A 8 -13.01 -11.64 -20.84
C THR A 8 -14.42 -11.56 -20.27
N ASN A 9 -14.89 -10.34 -20.06
CA ASN A 9 -16.27 -10.08 -19.64
C ASN A 9 -16.60 -10.78 -18.32
N CYS A 10 -15.68 -10.71 -17.37
CA CYS A 10 -15.86 -11.42 -16.11
C CYS A 10 -16.53 -10.57 -15.03
N TYR A 11 -16.14 -9.31 -14.90
CA TYR A 11 -16.73 -8.45 -13.88
C TYR A 11 -16.62 -6.99 -14.30
N SER A 12 -17.52 -6.18 -13.75
CA SER A 12 -17.57 -4.76 -14.02
C SER A 12 -16.60 -4.00 -13.13
N LEU A 13 -16.05 -2.91 -13.67
CA LEU A 13 -15.25 -1.99 -12.88
C LEU A 13 -15.49 -0.57 -13.38
N SER A 14 -15.14 0.39 -12.54
CA SER A 14 -15.30 1.80 -12.85
C SER A 14 -13.93 2.45 -13.01
N LYS A 15 -13.81 3.33 -14.00
CA LYS A 15 -12.60 4.09 -14.22
C LYS A 15 -12.98 5.53 -14.54
N THR A 16 -12.04 6.44 -14.30
CA THR A 16 -12.26 7.86 -14.56
C THR A 16 -11.29 8.34 -15.62
N LEU A 17 -11.82 8.94 -16.67
CA LEU A 17 -11.03 9.59 -17.70
C LEU A 17 -10.91 11.07 -17.37
N ARG A 18 -9.75 11.64 -17.67
CA ARG A 18 -9.45 13.03 -17.34
C ARG A 18 -8.99 13.76 -18.58
N PHE A 19 -9.38 15.04 -18.67
CA PHE A 19 -9.10 15.84 -19.85
C PHE A 19 -8.93 17.29 -19.45
N LYS A 20 -8.23 18.04 -20.30
CA LYS A 20 -8.24 19.49 -20.24
C LYS A 20 -9.47 20.01 -20.98
N ALA A 21 -10.12 21.01 -20.40
CA ALA A 21 -11.32 21.61 -20.98
C ALA A 21 -10.98 23.02 -21.43
N ILE A 22 -10.91 23.23 -22.73
CA ILE A 22 -10.46 24.49 -23.32
C ILE A 22 -11.68 25.31 -23.70
N PRO A 23 -11.87 26.50 -23.14
CA PRO A 23 -13.03 27.33 -23.52
C PRO A 23 -12.96 27.71 -24.99
N VAL A 24 -14.14 27.85 -25.59
CA VAL A 24 -14.27 28.10 -27.02
C VAL A 24 -14.98 29.43 -27.23
N GLY A 25 -14.43 30.28 -28.09
CA GLY A 25 -15.10 31.50 -28.46
C GLY A 25 -15.22 32.46 -27.30
N LYS A 26 -16.42 33.02 -27.13
CA LYS A 26 -16.71 34.00 -26.09
C LYS A 26 -16.95 33.36 -24.73
N THR A 27 -16.75 32.05 -24.60
CA THR A 27 -17.11 31.34 -23.37
C THR A 27 -16.36 31.90 -22.17
N GLN A 28 -15.05 32.09 -22.29
CA GLN A 28 -14.28 32.56 -21.14
C GLN A 28 -14.62 34.00 -20.80
N GLU A 29 -14.81 34.85 -21.81
CA GLU A 29 -15.25 36.22 -21.57
C GLU A 29 -16.60 36.23 -20.86
N ASN A 30 -17.56 35.48 -21.39
CA ASN A 30 -18.89 35.42 -20.79
C ASN A 30 -18.81 34.88 -19.36
N ILE A 31 -17.95 33.88 -19.14
CA ILE A 31 -17.78 33.33 -17.79
C ILE A 31 -17.15 34.37 -16.87
N ASP A 32 -16.21 35.16 -17.39
CA ASP A 32 -15.59 36.20 -16.59
C ASP A 32 -16.58 37.30 -16.23
N ASN A 33 -17.40 37.73 -17.21
CA ASN A 33 -18.35 38.81 -16.95
C ASN A 33 -19.37 38.43 -15.91
N LYS A 34 -19.85 37.18 -15.94
CA LYS A 34 -20.83 36.73 -14.97
C LYS A 34 -20.23 36.40 -13.61
N ARG A 35 -18.90 36.45 -13.49
CA ARG A 35 -18.19 36.18 -12.23
C ARG A 35 -18.53 34.80 -11.67
N LEU A 36 -18.68 33.82 -12.57
CA LEU A 36 -19.05 32.48 -12.14
C LEU A 36 -17.91 31.79 -11.41
N LEU A 37 -16.67 31.94 -11.90
CA LEU A 37 -15.53 31.29 -11.28
C LEU A 37 -15.31 31.78 -9.86
N VAL A 38 -15.43 33.09 -9.63
CA VAL A 38 -15.27 33.65 -8.30
C VAL A 38 -16.30 33.08 -7.35
N GLU A 39 -17.54 32.93 -7.82
CA GLU A 39 -18.59 32.31 -7.02
C GLU A 39 -18.19 30.90 -6.59
N ASP A 40 -17.68 30.10 -7.53
CA ASP A 40 -17.40 28.71 -7.24
C ASP A 40 -16.15 28.55 -6.38
N GLU A 41 -15.16 29.43 -6.54
CA GLU A 41 -13.98 29.38 -5.67
C GLU A 41 -14.37 29.73 -4.23
N LYS A 42 -15.30 30.67 -4.06
CA LYS A 42 -15.82 30.98 -2.74
C LYS A 42 -16.69 29.86 -2.20
N ARG A 43 -17.61 29.34 -3.02
CA ARG A 43 -18.50 28.28 -2.59
C ARG A 43 -17.73 27.09 -2.05
N ALA A 44 -16.62 26.72 -2.72
CA ALA A 44 -15.79 25.62 -2.25
C ALA A 44 -15.27 25.89 -0.84
N GLU A 45 -14.84 27.12 -0.58
CA GLU A 45 -14.36 27.47 0.75
C GLU A 45 -15.47 27.35 1.79
N ASP A 46 -16.63 27.93 1.50
CA ASP A 46 -17.76 27.84 2.41
C ASP A 46 -18.29 26.42 2.55
N TYR A 47 -18.22 25.64 1.48
CA TYR A 47 -18.70 24.27 1.52
C TYR A 47 -17.87 23.42 2.48
N LYS A 48 -16.55 23.58 2.46
CA LYS A 48 -15.70 22.91 3.43
C LYS A 48 -16.03 23.34 4.85
N GLY A 49 -16.40 24.61 5.02
CA GLY A 49 -16.72 25.10 6.35
C GLY A 49 -18.06 24.58 6.87
N VAL A 50 -19.07 24.52 6.00
CA VAL A 50 -20.38 24.04 6.41
C VAL A 50 -20.32 22.58 6.82
N LYS A 51 -19.47 21.79 6.16
CA LYS A 51 -19.36 20.38 6.51
C LYS A 51 -18.92 20.20 7.96
N LYS A 52 -18.05 21.08 8.45
CA LYS A 52 -17.60 20.99 9.83
C LYS A 52 -18.71 21.37 10.80
N LEU A 53 -19.48 22.41 10.47
CA LEU A 53 -20.66 22.74 11.27
C LEU A 53 -21.68 21.59 11.22
N LEU A 54 -21.88 21.00 10.05
CA LEU A 54 -22.78 19.87 9.93
C LEU A 54 -22.31 18.72 10.81
N ASP A 55 -21.00 18.52 10.90
CA ASP A 55 -20.44 17.48 11.78
C ASP A 55 -20.90 17.67 13.21
N ARG A 56 -20.88 18.93 13.69
CA ARG A 56 -21.18 19.21 15.09
C ARG A 56 -22.57 18.70 15.46
N TYR A 57 -23.57 18.92 14.61
CA TYR A 57 -24.89 18.39 14.90
C TYR A 57 -24.88 16.86 14.84
N TYR A 58 -24.26 16.29 13.81
CA TYR A 58 -24.14 14.84 13.72
C TYR A 58 -23.51 14.28 14.99
N LEU A 59 -22.40 14.86 15.43
CA LEU A 59 -21.76 14.42 16.67
C LEU A 59 -22.72 14.53 17.85
N SER A 60 -23.35 15.69 18.01
CA SER A 60 -24.30 15.87 19.10
C SER A 60 -25.46 14.89 18.99
N PHE A 61 -25.92 14.62 17.78
CA PHE A 61 -26.98 13.64 17.58
C PHE A 61 -26.56 12.25 18.03
N ILE A 62 -25.28 11.90 17.85
CA ILE A 62 -24.82 10.57 18.22
C ILE A 62 -24.83 10.38 19.73
N ASN A 63 -24.44 11.41 20.48
CA ASN A 63 -24.41 11.28 21.94
C ASN A 63 -25.81 11.09 22.52
N ASP A 64 -26.80 11.78 21.95
CA ASP A 64 -28.17 11.61 22.42
C ASP A 64 -28.63 10.16 22.28
N VAL A 65 -28.34 9.54 21.14
CA VAL A 65 -28.83 8.18 20.91
C VAL A 65 -27.99 7.17 21.68
N LEU A 66 -26.68 7.39 21.79
CA LEU A 66 -25.83 6.41 22.45
C LEU A 66 -26.04 6.40 23.97
N HIS A 67 -26.25 7.58 24.57
CA HIS A 67 -26.52 7.63 26.00
C HIS A 67 -27.76 6.82 26.34
N SER A 68 -28.86 7.05 25.61
CA SER A 68 -30.13 6.41 25.93
C SER A 68 -30.07 4.90 25.84
N ILE A 69 -29.18 4.38 24.99
CA ILE A 69 -29.23 2.98 24.59
C ILE A 69 -28.92 2.06 25.75
N LYS A 70 -29.48 0.85 25.70
CA LYS A 70 -29.13 -0.23 26.63
C LYS A 70 -29.11 -1.53 25.85
N LEU A 71 -27.99 -2.24 25.90
CA LEU A 71 -27.79 -3.41 25.06
C LEU A 71 -28.40 -4.65 25.73
N LYS A 72 -29.15 -5.42 24.94
CA LYS A 72 -29.99 -6.48 25.50
C LYS A 72 -29.19 -7.75 25.77
N ASN A 73 -28.35 -8.17 24.82
CA ASN A 73 -27.73 -9.49 24.85
C ASN A 73 -26.45 -9.53 25.67
N LEU A 74 -26.11 -8.45 26.39
CA LEU A 74 -24.74 -8.21 26.81
C LEU A 74 -24.13 -9.39 27.55
N ASN A 75 -24.77 -9.81 28.66
CA ASN A 75 -24.19 -10.86 29.49
C ASN A 75 -24.09 -12.19 28.74
N ASN A 76 -25.15 -12.55 28.01
CA ASN A 76 -25.12 -13.78 27.21
C ASN A 76 -24.01 -13.73 26.17
N TYR A 77 -23.83 -12.56 25.53
CA TYR A 77 -22.81 -12.44 24.48
C TYR A 77 -21.41 -12.60 25.05
N ILE A 78 -21.05 -11.82 26.07
CA ILE A 78 -19.70 -11.84 26.63
C ILE A 78 -19.31 -13.25 27.03
N SER A 79 -20.23 -13.97 27.67
CA SER A 79 -19.97 -15.34 28.08
C SER A 79 -19.60 -16.21 26.90
N LEU A 80 -20.48 -16.27 25.89
CA LEU A 80 -20.21 -17.06 24.70
C LEU A 80 -18.91 -16.61 24.03
N PHE A 81 -18.65 -15.30 24.05
CA PHE A 81 -17.43 -14.75 23.48
C PHE A 81 -16.19 -15.31 24.17
N ARG A 82 -16.30 -15.62 25.47
CA ARG A 82 -15.15 -16.04 26.25
C ARG A 82 -14.82 -17.51 26.08
N LYS A 83 -15.77 -18.35 25.67
CA LYS A 83 -15.49 -19.77 25.49
C LYS A 83 -14.36 -19.96 24.48
N LYS A 84 -13.36 -20.75 24.88
CA LYS A 84 -12.24 -21.05 24.00
C LYS A 84 -12.41 -22.36 23.24
N THR A 85 -13.45 -23.15 23.53
CA THR A 85 -13.75 -24.37 22.78
C THR A 85 -15.23 -24.34 22.39
N ARG A 86 -15.53 -23.66 21.28
CA ARG A 86 -16.88 -23.49 20.78
C ARG A 86 -17.10 -24.42 19.60
N THR A 87 -18.18 -25.20 19.64
CA THR A 87 -18.62 -25.89 18.45
C THR A 87 -18.88 -24.87 17.35
N GLU A 88 -18.72 -25.30 16.10
CA GLU A 88 -19.03 -24.43 14.97
C GLU A 88 -20.44 -23.86 15.08
N LYS A 89 -21.36 -24.64 15.65
CA LYS A 89 -22.72 -24.15 15.88
C LYS A 89 -22.74 -22.97 16.83
N GLU A 90 -21.87 -22.99 17.86
CA GLU A 90 -21.81 -21.88 18.80
C GLU A 90 -21.10 -20.67 18.22
N ASN A 91 -20.21 -20.87 17.24
CA ASN A 91 -19.57 -19.73 16.58
C ASN A 91 -20.58 -18.95 15.74
N LYS A 92 -21.50 -19.66 15.07
CA LYS A 92 -22.58 -18.99 14.38
C LYS A 92 -23.54 -18.34 15.36
N GLU A 93 -23.74 -18.97 16.52
CA GLU A 93 -24.54 -18.38 17.58
C GLU A 93 -23.95 -17.03 18.02
N LEU A 94 -22.63 -16.96 18.14
CA LEU A 94 -21.99 -15.71 18.51
C LEU A 94 -22.18 -14.65 17.43
N GLU A 95 -22.07 -15.06 16.15
CA GLU A 95 -22.26 -14.10 15.07
C GLU A 95 -23.66 -13.50 15.10
N ASN A 96 -24.67 -14.33 15.34
CA ASN A 96 -26.03 -13.81 15.45
C ASN A 96 -26.15 -12.81 16.58
N LEU A 97 -25.60 -13.14 17.75
CA LEU A 97 -25.63 -12.23 18.88
C LEU A 97 -24.86 -10.95 18.57
N GLU A 98 -23.76 -11.08 17.82
CA GLU A 98 -22.99 -9.90 17.44
C GLU A 98 -23.76 -9.04 16.44
N ILE A 99 -24.41 -9.68 15.46
CA ILE A 99 -25.23 -8.94 14.51
C ILE A 99 -26.38 -8.25 15.22
N ASN A 100 -27.03 -8.95 16.16
CA ASN A 100 -28.14 -8.37 16.90
C ASN A 100 -27.69 -7.16 17.72
N LEU A 101 -26.49 -7.22 18.28
CA LEU A 101 -25.98 -6.10 19.06
C LEU A 101 -25.81 -4.87 18.18
N ARG A 102 -25.19 -5.04 17.02
CA ARG A 102 -25.05 -3.91 16.09
C ARG A 102 -26.41 -3.44 15.60
N LYS A 103 -27.36 -4.35 15.41
CA LYS A 103 -28.68 -3.96 14.94
C LYS A 103 -29.43 -3.14 15.98
N GLU A 104 -29.20 -3.41 17.26
CA GLU A 104 -29.81 -2.60 18.31
C GLU A 104 -29.32 -1.16 18.22
N ILE A 105 -28.04 -0.97 17.96
CA ILE A 105 -27.48 0.38 17.87
C ILE A 105 -28.00 1.10 16.62
N ALA A 106 -27.98 0.42 15.48
CA ALA A 106 -28.44 1.03 14.24
C ALA A 106 -29.92 1.38 14.33
N LYS A 107 -30.76 0.42 14.73
CA LYS A 107 -32.19 0.69 14.82
C LYS A 107 -32.50 1.80 15.80
N ALA A 108 -31.66 1.98 16.83
CA ALA A 108 -31.84 3.10 17.74
C ALA A 108 -31.61 4.44 17.04
N PHE A 109 -30.68 4.48 16.09
CA PHE A 109 -30.47 5.68 15.30
C PHE A 109 -31.63 5.92 14.34
N LYS A 110 -31.89 4.95 13.47
CA LYS A 110 -32.84 5.11 12.37
C LYS A 110 -34.29 5.07 12.82
N GLY A 111 -34.57 4.60 14.03
CA GLY A 111 -35.94 4.60 14.52
C GLY A 111 -36.46 5.95 14.95
N ASN A 112 -35.58 6.95 15.06
CA ASN A 112 -36.00 8.28 15.46
C ASN A 112 -36.80 8.97 14.35
N GLU A 113 -37.71 9.85 14.76
CA GLU A 113 -38.26 10.82 13.83
C GLU A 113 -37.15 11.69 13.25
N GLY A 114 -36.11 11.95 14.04
CA GLY A 114 -35.08 12.90 13.63
C GLY A 114 -34.13 12.35 12.59
N TYR A 115 -33.97 11.02 12.52
CA TYR A 115 -32.93 10.44 11.67
C TYR A 115 -33.15 10.77 10.21
N LYS A 116 -34.39 10.68 9.73
CA LYS A 116 -34.64 10.93 8.32
C LYS A 116 -34.34 12.37 7.93
N SER A 117 -34.46 13.29 8.89
CA SER A 117 -34.28 14.71 8.59
C SER A 117 -32.82 15.09 8.35
N LEU A 118 -31.87 14.28 8.86
CA LEU A 118 -30.47 14.69 8.85
C LEU A 118 -29.89 14.69 7.43
N PHE A 119 -30.30 13.73 6.60
CA PHE A 119 -29.78 13.60 5.25
C PHE A 119 -30.78 14.05 4.19
N LYS A 120 -31.79 14.81 4.60
CA LYS A 120 -32.75 15.40 3.70
C LYS A 120 -32.41 16.89 3.52
N LYS A 121 -33.24 17.59 2.75
CA LYS A 121 -33.01 19.03 2.58
C LYS A 121 -33.06 19.77 3.91
N ASP A 122 -33.84 19.24 4.85
CA ASP A 122 -34.27 20.01 6.01
C ASP A 122 -33.11 20.42 6.91
N ILE A 123 -32.03 19.63 6.95
CA ILE A 123 -30.97 19.84 7.94
C ILE A 123 -30.35 21.22 7.77
N ILE A 124 -30.17 21.67 6.53
CA ILE A 124 -29.56 22.97 6.30
C ILE A 124 -30.57 24.10 6.45
N GLU A 125 -31.80 23.87 6.02
CA GLU A 125 -32.81 24.93 6.02
C GLU A 125 -33.30 25.23 7.43
N THR A 126 -33.62 24.19 8.20
CA THR A 126 -34.30 24.39 9.48
C THR A 126 -33.56 23.82 10.68
N ILE A 127 -33.17 22.53 10.67
CA ILE A 127 -32.63 21.91 11.88
C ILE A 127 -31.34 22.61 12.32
N LEU A 128 -30.37 22.74 11.41
CA LEU A 128 -29.08 23.29 11.81
C LEU A 128 -29.18 24.74 12.30
N PRO A 129 -29.87 25.66 11.62
CA PRO A 129 -29.91 27.05 12.13
C PRO A 129 -30.38 27.15 13.57
N GLU A 130 -31.44 26.43 13.95
CA GLU A 130 -31.90 26.47 15.33
C GLU A 130 -30.85 25.93 16.29
N PHE A 131 -30.13 24.88 15.87
CA PHE A 131 -29.08 24.31 16.71
C PHE A 131 -27.96 25.31 16.97
N LEU A 132 -27.50 25.99 15.92
CA LEU A 132 -26.39 26.90 16.08
C LEU A 132 -26.80 28.11 16.92
N ASP A 133 -25.79 28.75 17.52
CA ASP A 133 -25.99 29.94 18.34
C ASP A 133 -25.12 31.10 17.90
N ASP A 134 -24.49 31.02 16.73
CA ASP A 134 -23.62 32.07 16.22
C ASP A 134 -24.25 32.66 14.97
N LYS A 135 -24.26 33.99 14.88
CA LYS A 135 -24.91 34.65 13.75
C LYS A 135 -24.17 34.42 12.45
N ASP A 136 -22.85 34.36 12.49
CA ASP A 136 -22.06 34.17 11.28
C ASP A 136 -22.25 32.77 10.71
N GLU A 137 -22.17 31.74 11.56
CA GLU A 137 -22.32 30.37 11.10
C GLU A 137 -23.71 30.11 10.54
N ILE A 138 -24.75 30.67 11.17
CA ILE A 138 -26.11 30.50 10.65
C ILE A 138 -26.21 31.12 9.25
N ALA A 139 -25.53 32.24 9.03
CA ALA A 139 -25.51 32.84 7.69
C ALA A 139 -24.85 31.91 6.69
N LEU A 140 -23.81 31.19 7.11
CA LEU A 140 -23.11 30.27 6.21
C LEU A 140 -24.03 29.12 5.80
N VAL A 141 -24.64 28.46 6.79
CA VAL A 141 -25.63 27.42 6.50
C VAL A 141 -26.74 27.99 5.64
N ASN A 142 -27.12 29.25 5.88
CA ASN A 142 -28.18 29.87 5.10
C ASN A 142 -27.78 30.10 3.64
N SER A 143 -26.48 30.24 3.37
CA SER A 143 -26.04 30.47 2.00
C SER A 143 -26.31 29.28 1.07
N PHE A 144 -26.65 28.11 1.62
CA PHE A 144 -26.74 26.89 0.84
C PHE A 144 -28.17 26.42 0.63
N ASN A 145 -29.18 27.21 0.99
CA ASN A 145 -30.54 26.84 0.62
C ASN A 145 -30.69 26.84 -0.90
N GLY A 146 -31.56 25.97 -1.40
CA GLY A 146 -31.63 25.74 -2.83
C GLY A 146 -30.43 25.03 -3.40
N PHE A 147 -29.38 24.81 -2.61
CA PHE A 147 -28.18 24.09 -3.00
C PHE A 147 -27.95 22.86 -2.12
N THR A 148 -29.04 22.29 -1.59
CA THR A 148 -28.91 21.10 -0.76
C THR A 148 -28.43 19.91 -1.57
N THR A 149 -28.90 19.78 -2.81
CA THR A 149 -28.60 18.61 -3.62
C THR A 149 -27.10 18.36 -3.71
N ALA A 150 -26.29 19.42 -3.70
CA ALA A 150 -24.85 19.25 -3.80
C ALA A 150 -24.22 18.66 -2.54
N PHE A 151 -24.98 18.55 -1.45
CA PHE A 151 -24.50 17.92 -0.24
C PHE A 151 -24.64 16.40 -0.24
N THR A 152 -25.35 15.83 -1.22
CA THR A 152 -25.66 14.40 -1.23
C THR A 152 -24.43 13.54 -0.94
N GLY A 153 -23.31 13.82 -1.61
CA GLY A 153 -22.11 13.04 -1.39
C GLY A 153 -21.69 13.01 0.07
N PHE A 154 -21.69 14.18 0.71
CA PHE A 154 -21.41 14.25 2.14
C PHE A 154 -22.43 13.47 2.95
N PHE A 155 -23.72 13.58 2.60
CA PHE A 155 -24.75 12.88 3.34
C PHE A 155 -24.49 11.38 3.34
N ASP A 156 -24.05 10.84 2.20
CA ASP A 156 -23.77 9.41 2.10
C ASP A 156 -22.61 9.02 3.02
N ASN A 157 -21.58 9.85 3.11
CA ASN A 157 -20.46 9.55 4.01
C ASN A 157 -20.92 9.49 5.46
N ARG A 158 -21.96 10.24 5.82
CA ARG A 158 -22.47 10.19 7.17
C ARG A 158 -23.45 9.04 7.39
N GLU A 159 -24.20 8.66 6.34
CA GLU A 159 -25.09 7.52 6.46
C GLU A 159 -24.32 6.24 6.78
N ASN A 160 -23.05 6.18 6.41
CA ASN A 160 -22.26 4.98 6.71
C ASN A 160 -22.10 4.76 8.21
N MET A 161 -22.14 5.85 8.99
CA MET A 161 -21.91 5.71 10.43
C MET A 161 -23.04 4.91 11.09
N PHE A 162 -24.26 5.08 10.60
CA PHE A 162 -25.44 4.48 11.22
C PHE A 162 -25.78 3.11 10.65
N SER A 163 -24.93 2.56 9.80
CA SER A 163 -25.15 1.21 9.30
C SER A 163 -25.06 0.19 10.43
N GLU A 164 -25.73 -0.94 10.25
CA GLU A 164 -25.62 -2.07 11.16
C GLU A 164 -24.61 -3.10 10.68
N GLU A 165 -24.01 -2.87 9.52
CA GLU A 165 -23.10 -3.83 8.92
C GLU A 165 -21.72 -3.76 9.59
N ALA A 166 -20.94 -4.82 9.41
CA ALA A 166 -19.61 -4.91 10.02
C ALA A 166 -18.59 -4.22 9.12
N LYS A 167 -18.69 -2.90 9.08
CA LYS A 167 -17.87 -2.07 8.21
C LYS A 167 -17.17 -1.00 9.02
N SER A 168 -15.93 -0.68 8.62
CA SER A 168 -15.08 0.23 9.38
C SER A 168 -15.77 1.55 9.69
N THR A 169 -16.64 2.03 8.80
CA THR A 169 -17.27 3.33 8.96
C THR A 169 -18.34 3.34 10.06
N SER A 170 -18.89 2.18 10.39
CA SER A 170 -20.09 2.13 11.22
C SER A 170 -19.81 2.51 12.67
N ILE A 171 -20.80 3.16 13.29
CA ILE A 171 -20.79 3.36 14.73
C ILE A 171 -20.98 2.03 15.46
N ALA A 172 -21.99 1.26 15.03
CA ALA A 172 -22.27 -0.03 15.64
C ALA A 172 -21.05 -0.95 15.58
N PHE A 173 -20.29 -0.85 14.48
CA PHE A 173 -19.09 -1.69 14.34
C PHE A 173 -18.04 -1.30 15.37
N ARG A 174 -17.76 0.00 15.51
CA ARG A 174 -16.78 0.45 16.50
C ARG A 174 -17.20 0.07 17.92
N CYS A 175 -18.50 0.06 18.20
CA CYS A 175 -18.97 -0.30 19.52
C CYS A 175 -18.78 -1.79 19.78
N ILE A 176 -19.30 -2.63 18.88
CA ILE A 176 -19.46 -4.06 19.17
C ILE A 176 -18.23 -4.86 18.75
N ASN A 177 -17.70 -4.62 17.54
CA ASN A 177 -16.61 -5.45 17.06
C ASN A 177 -15.27 -5.04 17.66
N GLU A 178 -15.03 -3.74 17.80
CA GLU A 178 -13.74 -3.24 18.30
C GLU A 178 -13.78 -2.92 19.78
N ASN A 179 -14.70 -2.05 20.22
CA ASN A 179 -14.66 -1.57 21.60
C ASN A 179 -15.19 -2.62 22.57
N LEU A 180 -16.24 -3.35 22.19
CA LEU A 180 -16.70 -4.44 23.05
C LEU A 180 -15.64 -5.51 23.20
N THR A 181 -15.06 -5.95 22.07
CA THR A 181 -14.02 -6.98 22.12
C THR A 181 -12.86 -6.56 23.02
N ARG A 182 -12.50 -5.27 22.97
CA ARG A 182 -11.47 -4.77 23.88
C ARG A 182 -11.97 -4.79 25.32
N TYR A 183 -13.20 -4.32 25.55
CA TYR A 183 -13.77 -4.30 26.89
C TYR A 183 -13.74 -5.69 27.51
N ILE A 184 -14.14 -6.70 26.75
CA ILE A 184 -14.12 -8.07 27.25
C ILE A 184 -12.70 -8.52 27.57
N SER A 185 -11.74 -8.15 26.71
CA SER A 185 -10.34 -8.47 26.99
C SER A 185 -9.88 -7.82 28.29
N ASN A 186 -10.35 -6.59 28.56
CA ASN A 186 -9.95 -5.90 29.77
C ASN A 186 -10.59 -6.52 31.00
N MET A 187 -11.80 -7.09 30.86
CA MET A 187 -12.42 -7.82 31.96
C MET A 187 -11.57 -9.03 32.35
N ASP A 188 -11.05 -9.75 31.36
CA ASP A 188 -10.17 -10.89 31.65
C ASP A 188 -8.92 -10.45 32.39
N ILE A 189 -8.27 -9.40 31.92
CA ILE A 189 -7.04 -8.90 32.54
C ILE A 189 -7.34 -8.40 33.95
N PHE A 190 -8.54 -7.86 34.17
CA PHE A 190 -8.85 -7.24 35.46
C PHE A 190 -8.94 -8.27 36.58
N GLU A 191 -9.58 -9.42 36.32
CA GLU A 191 -9.75 -10.41 37.39
C GLU A 191 -8.44 -11.05 37.79
N LYS A 192 -7.50 -11.22 36.86
CA LYS A 192 -6.18 -11.73 37.22
C LYS A 192 -5.43 -10.74 38.09
N VAL A 193 -5.55 -9.45 37.79
CA VAL A 193 -4.71 -8.42 38.37
C VAL A 193 -5.47 -7.58 39.39
N ASP A 194 -6.70 -8.00 39.75
CA ASP A 194 -7.56 -7.17 40.58
C ASP A 194 -6.92 -6.83 41.93
N ALA A 195 -6.29 -7.83 42.56
CA ALA A 195 -5.89 -7.67 43.96
C ALA A 195 -4.80 -6.62 44.13
N ILE A 196 -3.90 -6.49 43.16
CA ILE A 196 -2.70 -5.70 43.37
C ILE A 196 -3.03 -4.22 43.53
N PHE A 197 -4.16 -3.76 42.99
CA PHE A 197 -4.57 -2.38 43.21
C PHE A 197 -4.91 -2.17 44.67
N ASP A 198 -4.25 -1.18 45.28
CA ASP A 198 -4.38 -0.94 46.71
C ASP A 198 -5.75 -0.37 47.04
N LYS A 199 -6.31 -0.82 48.17
CA LYS A 199 -7.51 -0.23 48.75
C LYS A 199 -7.51 1.30 48.71
N HIS A 200 -6.41 1.92 49.13
CA HIS A 200 -6.27 3.37 48.99
C HIS A 200 -6.23 3.78 47.53
N GLU A 201 -5.51 3.01 46.71
CA GLU A 201 -5.28 3.38 45.32
C GLU A 201 -6.59 3.50 44.55
N VAL A 202 -7.55 2.62 44.84
CA VAL A 202 -8.83 2.66 44.14
C VAL A 202 -9.66 3.85 44.59
N GLN A 203 -9.67 4.12 45.90
CA GLN A 203 -10.53 5.18 46.42
C GLN A 203 -10.12 6.55 45.89
N GLU A 204 -8.82 6.74 45.67
CA GLU A 204 -8.32 7.88 44.90
C GLU A 204 -9.13 8.06 43.62
N ILE A 205 -8.97 7.09 42.71
CA ILE A 205 -9.51 7.17 41.36
C ILE A 205 -11.01 7.44 41.37
N LYS A 206 -11.72 6.93 42.38
CA LYS A 206 -13.16 7.16 42.42
C LYS A 206 -13.50 8.61 42.72
N GLU A 207 -12.70 9.28 43.57
CA GLU A 207 -12.93 10.70 43.82
C GLU A 207 -12.25 11.58 42.77
N LYS A 208 -10.99 11.30 42.46
CA LYS A 208 -10.22 12.18 41.58
C LYS A 208 -10.72 12.09 40.14
N ILE A 209 -11.03 10.89 39.66
CA ILE A 209 -11.44 10.69 38.28
C ILE A 209 -12.94 10.49 38.21
N LEU A 210 -13.43 9.46 38.90
CA LEU A 210 -14.83 9.06 38.78
C LEU A 210 -15.81 10.09 39.32
N ASN A 211 -15.33 11.02 40.16
CA ASN A 211 -16.15 12.04 40.80
C ASN A 211 -17.14 11.43 41.79
N SER A 212 -16.89 10.19 42.23
CA SER A 212 -17.66 9.44 43.23
C SER A 212 -19.02 8.98 42.73
N ASP A 213 -19.29 9.05 41.43
CA ASP A 213 -20.56 8.58 40.90
C ASP A 213 -20.59 7.08 40.62
N TYR A 214 -19.44 6.48 40.32
CA TYR A 214 -19.35 5.04 40.08
C TYR A 214 -18.08 4.50 40.72
N ASP A 215 -18.06 3.20 40.94
CA ASP A 215 -16.89 2.52 41.45
C ASP A 215 -16.02 2.02 40.30
N VAL A 216 -14.71 1.96 40.54
CA VAL A 216 -13.79 1.48 39.52
C VAL A 216 -14.13 0.07 39.09
N GLU A 217 -14.67 -0.74 40.02
CA GLU A 217 -15.00 -2.12 39.70
C GLU A 217 -16.13 -2.20 38.67
N ASP A 218 -17.07 -1.24 38.72
CA ASP A 218 -18.18 -1.24 37.78
C ASP A 218 -17.70 -1.29 36.33
N PHE A 219 -16.62 -0.58 36.03
CA PHE A 219 -16.15 -0.46 34.65
C PHE A 219 -15.63 -1.77 34.09
N PHE A 220 -15.57 -2.84 34.89
CA PHE A 220 -15.13 -4.13 34.42
C PHE A 220 -16.20 -5.19 34.60
N GLU A 221 -17.45 -4.76 34.83
CA GLU A 221 -18.62 -5.62 34.76
C GLU A 221 -19.20 -5.56 33.35
N GLY A 222 -19.66 -6.72 32.87
CA GLY A 222 -20.15 -6.80 31.51
C GLY A 222 -21.41 -5.98 31.27
N GLU A 223 -22.35 -6.01 32.21
CA GLU A 223 -23.59 -5.27 32.04
C GLU A 223 -23.39 -3.76 32.03
N PHE A 224 -22.21 -3.27 32.40
CA PHE A 224 -21.94 -1.85 32.49
C PHE A 224 -21.46 -1.26 31.17
N PHE A 225 -21.32 -2.09 30.13
CA PHE A 225 -20.75 -1.66 28.85
C PHE A 225 -21.48 -0.49 28.22
N ASN A 226 -22.77 -0.33 28.50
CA ASN A 226 -23.53 0.75 27.87
C ASN A 226 -22.94 2.12 28.17
N PHE A 227 -22.34 2.29 29.35
CA PHE A 227 -21.76 3.59 29.72
C PHE A 227 -20.64 4.00 28.79
N VAL A 228 -20.02 3.05 28.10
CA VAL A 228 -18.80 3.32 27.36
C VAL A 228 -19.05 3.35 25.85
N LEU A 229 -20.32 3.42 25.43
CA LEU A 229 -20.61 3.63 24.02
C LEU A 229 -20.33 5.08 23.59
N THR A 230 -20.48 6.03 24.50
CA THR A 230 -20.28 7.44 24.18
C THR A 230 -18.81 7.81 24.30
N GLN A 231 -18.44 8.91 23.66
CA GLN A 231 -17.06 9.40 23.79
C GLN A 231 -16.77 9.83 25.21
N GLU A 232 -17.75 10.46 25.87
CA GLU A 232 -17.60 10.80 27.28
C GLU A 232 -17.29 9.55 28.10
N GLY A 233 -18.10 8.49 27.91
CA GLY A 233 -17.86 7.27 28.66
C GLY A 233 -16.53 6.62 28.33
N ILE A 234 -16.10 6.74 27.07
CA ILE A 234 -14.79 6.21 26.69
C ILE A 234 -13.68 7.02 27.36
N ASP A 235 -13.83 8.34 27.43
CA ASP A 235 -12.82 9.17 28.07
C ASP A 235 -12.62 8.77 29.52
N VAL A 236 -13.70 8.44 30.22
CA VAL A 236 -13.60 8.06 31.63
C VAL A 236 -12.90 6.72 31.77
N TYR A 237 -13.36 5.71 31.00
CA TYR A 237 -12.74 4.39 31.01
C TYR A 237 -11.26 4.45 30.69
N ASN A 238 -10.89 5.22 29.65
CA ASN A 238 -9.48 5.36 29.30
C ASN A 238 -8.72 6.14 30.37
N ALA A 239 -9.41 7.05 31.08
CA ALA A 239 -8.76 7.83 32.13
C ALA A 239 -8.36 6.94 33.30
N ILE A 240 -9.25 6.01 33.69
CA ILE A 240 -8.93 5.07 34.75
C ILE A 240 -7.65 4.30 34.41
N ILE A 241 -7.57 3.82 33.16
CA ILE A 241 -6.41 3.05 32.74
C ILE A 241 -5.18 3.94 32.59
N GLY A 242 -5.34 5.11 31.99
CA GLY A 242 -4.20 5.94 31.69
C GLY A 242 -3.80 6.90 32.81
N GLY A 243 -4.73 7.19 33.70
CA GLY A 243 -4.52 8.23 34.68
C GLY A 243 -5.13 9.55 34.24
N PHE A 244 -5.40 10.42 35.21
CA PHE A 244 -6.13 11.66 34.96
C PHE A 244 -5.36 12.83 35.54
N VAL A 245 -5.69 14.02 35.03
CA VAL A 245 -5.17 15.28 35.54
C VAL A 245 -6.37 16.18 35.83
N THR A 246 -6.53 16.54 37.11
CA THR A 246 -7.74 17.20 37.57
C THR A 246 -7.79 18.65 37.09
N GLU A 247 -8.86 19.34 37.48
CA GLU A 247 -8.90 20.80 37.33
C GLU A 247 -7.79 21.44 38.14
N SER A 248 -7.55 20.95 39.36
CA SER A 248 -6.40 21.38 40.14
C SER A 248 -5.09 21.02 39.43
N GLY A 249 -5.09 19.93 38.67
CA GLY A 249 -3.91 19.46 37.98
C GLY A 249 -3.13 18.38 38.69
N GLU A 250 -3.55 17.98 39.89
CA GLU A 250 -2.84 16.94 40.63
C GLU A 250 -2.83 15.65 39.82
N LYS A 251 -1.63 15.08 39.65
CA LYS A 251 -1.50 13.84 38.90
C LYS A 251 -2.19 12.70 39.65
N ILE A 252 -3.08 12.00 38.96
CA ILE A 252 -3.79 10.85 39.50
C ILE A 252 -3.33 9.61 38.74
N LYS A 253 -2.92 8.59 39.48
CA LYS A 253 -2.33 7.42 38.86
C LYS A 253 -3.40 6.49 38.30
N GLY A 254 -3.05 5.79 37.23
CA GLY A 254 -3.97 4.90 36.54
C GLY A 254 -3.67 3.44 36.85
N LEU A 255 -4.70 2.60 36.70
CA LEU A 255 -4.53 1.17 36.97
C LEU A 255 -3.40 0.57 36.15
N ASN A 256 -3.30 0.93 34.87
CA ASN A 256 -2.23 0.38 34.05
C ASN A 256 -0.86 0.86 34.52
N GLU A 257 -0.79 2.04 35.11
CA GLU A 257 0.47 2.52 35.67
C GLU A 257 0.84 1.75 36.94
N TYR A 258 -0.15 1.44 37.77
CA TYR A 258 0.09 0.62 38.97
C TYR A 258 0.68 -0.73 38.60
N ILE A 259 0.04 -1.42 37.64
CA ILE A 259 0.54 -2.71 37.17
C ILE A 259 1.99 -2.60 36.73
N ASN A 260 2.34 -1.51 36.05
CA ASN A 260 3.72 -1.28 35.62
C ASN A 260 4.68 -1.37 36.80
N LEU A 261 4.45 -0.55 37.83
CA LEU A 261 5.32 -0.58 39.02
C LEU A 261 5.43 -2.00 39.57
N TYR A 262 4.29 -2.66 39.78
CA TYR A 262 4.29 -4.00 40.38
C TYR A 262 5.15 -4.97 39.58
N ASN A 263 4.81 -5.19 38.30
CA ASN A 263 5.56 -6.13 37.48
C ASN A 263 7.03 -5.74 37.41
N GLN A 264 7.31 -4.47 37.21
CA GLN A 264 8.65 -3.92 37.31
C GLN A 264 9.33 -4.36 38.59
N LYS A 265 8.85 -3.83 39.72
CA LYS A 265 9.55 -3.96 40.99
C LYS A 265 9.74 -5.42 41.38
N THR A 266 8.79 -6.29 41.03
CA THR A 266 8.90 -7.71 41.33
C THR A 266 9.44 -8.53 40.17
N LYS A 267 9.92 -7.87 39.10
CA LYS A 267 10.49 -8.55 37.93
C LYS A 267 9.52 -9.56 37.33
N GLN A 268 8.24 -9.24 37.37
CA GLN A 268 7.16 -10.06 36.84
C GLN A 268 6.63 -9.43 35.56
N LYS A 269 5.61 -10.09 34.95
CA LYS A 269 5.06 -9.65 33.67
C LYS A 269 3.56 -9.96 33.60
N LEU A 270 2.78 -9.27 34.43
CA LEU A 270 1.33 -9.29 34.36
C LEU A 270 0.87 -8.42 33.18
N PRO A 271 -0.35 -8.65 32.69
CA PRO A 271 -0.81 -7.93 31.51
C PRO A 271 -1.29 -6.52 31.83
N LYS A 272 -1.56 -5.77 30.76
CA LYS A 272 -1.90 -4.35 30.86
C LYS A 272 -3.12 -4.06 30.00
N PHE A 273 -3.99 -3.17 30.48
CA PHE A 273 -5.27 -2.93 29.83
C PHE A 273 -5.11 -2.20 28.51
N LYS A 274 -5.85 -2.65 27.50
CA LYS A 274 -5.98 -1.87 26.28
C LYS A 274 -6.93 -0.69 26.52
N PRO A 275 -6.60 0.50 26.07
CA PRO A 275 -7.58 1.59 26.06
C PRO A 275 -8.56 1.41 24.91
N LEU A 276 -9.72 2.03 25.06
CA LEU A 276 -10.78 1.90 24.08
C LEU A 276 -10.63 2.92 22.97
N TYR A 277 -10.96 2.51 21.74
CA TYR A 277 -10.91 3.41 20.61
C TYR A 277 -11.93 4.53 20.77
N LYS A 278 -11.66 5.65 20.11
CA LYS A 278 -12.57 6.78 20.13
C LYS A 278 -13.86 6.44 19.38
N GLN A 279 -14.90 7.23 19.66
CA GLN A 279 -16.10 7.16 18.84
C GLN A 279 -15.83 7.81 17.49
N VAL A 280 -16.74 7.56 16.54
CA VAL A 280 -16.38 7.71 15.13
C VAL A 280 -16.26 9.17 14.71
N LEU A 281 -16.88 10.10 15.42
CA LEU A 281 -16.83 11.48 14.95
C LEU A 281 -16.18 12.44 15.94
N SER A 282 -15.66 11.95 17.06
CA SER A 282 -15.03 12.84 18.03
C SER A 282 -13.67 13.31 17.50
N ASP A 283 -13.21 14.43 18.07
CA ASP A 283 -11.91 14.99 17.69
C ASP A 283 -10.81 14.53 18.64
N GLU A 292 -0.89 19.99 9.19
CA GLU A 292 -1.56 20.25 7.93
C GLU A 292 -0.57 20.68 6.85
N GLY A 293 0.69 20.80 7.24
CA GLY A 293 1.72 21.17 6.27
C GLY A 293 1.96 22.66 6.23
N TYR A 294 3.20 23.02 5.87
CA TYR A 294 3.62 24.41 5.79
C TYR A 294 3.34 24.94 4.40
N THR A 295 2.93 26.22 4.33
CA THR A 295 2.36 26.77 3.10
C THR A 295 3.22 27.83 2.42
N SER A 296 4.37 28.21 3.00
CA SER A 296 5.17 29.25 2.39
C SER A 296 6.59 29.19 2.92
N ASP A 297 7.51 29.79 2.15
CA ASP A 297 8.90 29.90 2.59
C ASP A 297 8.99 30.68 3.90
N GLU A 298 8.15 31.69 4.07
CA GLU A 298 8.20 32.50 5.29
C GLU A 298 7.74 31.71 6.49
N GLU A 299 6.73 30.85 6.32
CA GLU A 299 6.28 30.00 7.42
C GLU A 299 7.31 28.93 7.75
N VAL A 300 7.86 28.28 6.72
CA VAL A 300 8.88 27.25 6.94
C VAL A 300 10.07 27.83 7.69
N LEU A 301 10.53 29.01 7.28
CA LEU A 301 11.64 29.66 7.97
C LEU A 301 11.26 30.01 9.40
N GLU A 302 10.07 30.61 9.58
CA GLU A 302 9.65 31.07 10.89
C GLU A 302 9.67 29.96 11.93
N VAL A 303 9.29 28.74 11.53
CA VAL A 303 9.31 27.62 12.47
C VAL A 303 10.74 27.20 12.78
N PHE A 304 11.63 27.20 11.78
CA PHE A 304 13.01 26.78 11.95
C PHE A 304 13.77 27.64 12.96
N ARG A 305 13.66 28.97 12.83
CA ARG A 305 14.12 29.98 13.78
C ARG A 305 13.48 29.86 15.17
N ASN A 306 12.18 29.59 15.24
CA ASN A 306 11.48 29.69 16.52
C ASN A 306 11.75 28.46 17.38
N THR A 307 11.82 27.29 16.77
CA THR A 307 11.96 26.04 17.50
C THR A 307 13.40 25.60 17.69
N LEU A 308 14.35 26.18 16.95
CA LEU A 308 15.72 25.68 16.96
C LEU A 308 16.77 26.76 17.14
N ASN A 309 16.39 27.98 17.50
CA ASN A 309 17.40 28.97 17.84
C ASN A 309 17.99 28.65 19.22
N LYS A 310 19.04 29.40 19.57
CA LYS A 310 19.86 29.01 20.71
C LYS A 310 19.22 29.28 22.06
N ASN A 311 18.04 29.92 22.11
CA ASN A 311 17.27 29.99 23.34
C ASN A 311 15.87 29.39 23.17
N SER A 312 15.69 28.50 22.21
CA SER A 312 14.48 27.71 22.13
C SER A 312 14.49 26.63 23.19
N GLU A 313 13.32 26.04 23.43
CA GLU A 313 13.21 25.01 24.47
C GLU A 313 13.88 23.71 24.03
N ILE A 314 13.92 23.42 22.73
CA ILE A 314 14.61 22.24 22.25
C ILE A 314 16.11 22.37 22.49
N PHE A 315 16.67 23.55 22.22
CA PHE A 315 18.07 23.79 22.54
C PHE A 315 18.32 23.82 24.05
N SER A 316 17.29 24.14 24.83
CA SER A 316 17.44 24.08 26.29
C SER A 316 17.51 22.65 26.79
N SER A 317 16.67 21.76 26.22
CA SER A 317 16.69 20.36 26.62
C SER A 317 17.95 19.64 26.16
N ILE A 318 18.65 20.17 25.15
CA ILE A 318 19.92 19.60 24.73
C ILE A 318 21.01 19.92 25.75
N LYS A 319 21.02 21.16 26.26
CA LYS A 319 22.00 21.53 27.27
C LYS A 319 21.78 20.77 28.57
N LYS A 320 20.51 20.46 28.90
CA LYS A 320 20.25 19.68 30.11
C LYS A 320 20.69 18.23 29.95
N LEU A 321 20.42 17.63 28.78
CA LEU A 321 20.87 16.26 28.53
C LEU A 321 22.39 16.17 28.40
N GLU A 322 23.06 17.26 28.01
CA GLU A 322 24.52 17.27 28.05
C GLU A 322 25.01 17.28 29.49
N LYS A 323 24.33 18.02 30.37
CA LYS A 323 24.70 18.05 31.78
C LYS A 323 24.36 16.73 32.46
N LEU A 324 23.25 16.11 32.06
CA LEU A 324 22.87 14.82 32.64
C LEU A 324 23.88 13.74 32.30
N PHE A 325 24.17 13.55 31.01
CA PHE A 325 25.06 12.49 30.60
C PHE A 325 26.52 12.78 30.94
N LYS A 326 26.87 14.05 31.18
CA LYS A 326 28.20 14.34 31.70
C LYS A 326 28.38 13.78 33.10
N ASN A 327 27.29 13.62 33.84
CA ASN A 327 27.29 13.01 35.17
C ASN A 327 26.87 11.55 35.12
N PHE A 328 27.13 10.86 34.00
CA PHE A 328 26.68 9.49 33.85
C PHE A 328 27.26 8.57 34.91
N ASP A 329 28.49 8.86 35.36
CA ASP A 329 29.12 8.02 36.38
C ASP A 329 28.43 8.15 37.73
N GLU A 330 27.77 9.28 37.98
CA GLU A 330 27.15 9.51 39.28
C GLU A 330 25.94 8.62 39.52
N TYR A 331 25.41 7.98 38.48
CA TYR A 331 24.19 7.21 38.58
C TYR A 331 24.47 5.72 38.69
N SER A 332 23.43 4.95 38.98
CA SER A 332 23.53 3.52 39.21
C SER A 332 23.39 2.80 37.87
N SER A 333 24.46 2.14 37.42
CA SER A 333 24.42 1.43 36.15
C SER A 333 23.46 0.26 36.19
N ALA A 334 23.05 -0.21 37.38
CA ALA A 334 22.08 -1.28 37.46
C ALA A 334 20.65 -0.79 37.26
N GLY A 335 20.42 0.52 37.33
CA GLY A 335 19.10 1.07 37.13
C GLY A 335 18.99 1.92 35.87
N ILE A 336 19.90 1.72 34.93
CA ILE A 336 19.89 2.42 33.65
C ILE A 336 19.80 1.35 32.57
N PHE A 337 18.80 1.46 31.70
CA PHE A 337 18.46 0.38 30.79
C PHE A 337 18.39 0.88 29.35
N VAL A 338 18.74 -0.03 28.44
CA VAL A 338 18.75 0.25 27.00
C VAL A 338 17.72 -0.67 26.35
N LYS A 339 16.76 -0.06 25.64
CA LYS A 339 15.69 -0.83 25.01
C LYS A 339 16.27 -1.84 24.02
N ASN A 340 15.64 -3.01 23.95
CA ASN A 340 16.10 -4.08 23.06
C ASN A 340 15.51 -3.89 21.68
N GLY A 341 16.36 -4.03 20.66
CA GLY A 341 15.98 -3.81 19.29
C GLY A 341 17.18 -3.40 18.45
N PRO A 342 16.97 -2.53 17.46
CA PRO A 342 18.11 -2.03 16.67
C PRO A 342 19.15 -1.31 17.51
N ALA A 343 18.73 -0.61 18.58
CA ALA A 343 19.66 0.14 19.41
C ALA A 343 20.68 -0.75 20.10
N ILE A 344 20.40 -2.05 20.23
CA ILE A 344 21.39 -2.96 20.80
C ILE A 344 22.51 -3.22 19.81
N SER A 345 22.17 -3.40 18.54
CA SER A 345 23.19 -3.59 17.51
C SER A 345 24.10 -2.37 17.42
N THR A 346 23.51 -1.17 17.41
CA THR A 346 24.30 0.05 17.24
C THR A 346 25.22 0.28 18.42
N ILE A 347 24.67 0.28 19.64
CA ILE A 347 25.48 0.55 20.83
C ILE A 347 26.53 -0.53 21.03
N SER A 348 26.25 -1.76 20.60
CA SER A 348 27.28 -2.79 20.62
C SER A 348 28.47 -2.40 19.75
N LYS A 349 28.19 -1.91 18.54
CA LYS A 349 29.25 -1.42 17.67
C LYS A 349 29.95 -0.20 18.25
N ASP A 350 29.22 0.62 19.01
CA ASP A 350 29.73 1.94 19.36
C ASP A 350 30.95 1.85 20.26
N ILE A 351 30.94 0.92 21.21
CA ILE A 351 31.93 0.86 22.27
C ILE A 351 32.93 -0.28 22.08
N PHE A 352 32.47 -1.50 21.78
CA PHE A 352 33.39 -2.58 21.43
C PHE A 352 33.92 -2.50 20.01
N GLY A 353 33.20 -1.84 19.11
CA GLY A 353 33.48 -1.94 17.69
C GLY A 353 32.85 -3.11 17.01
N GLU A 354 31.94 -3.83 17.68
CA GLU A 354 31.40 -5.08 17.16
C GLU A 354 29.91 -5.16 17.44
N TRP A 355 29.14 -5.54 16.40
CA TRP A 355 27.69 -5.64 16.51
C TRP A 355 27.26 -6.76 17.44
N ASN A 356 27.88 -7.94 17.31
CA ASN A 356 27.34 -9.17 17.87
C ASN A 356 28.16 -9.74 19.01
N VAL A 357 29.04 -8.93 19.63
CA VAL A 357 29.70 -9.40 20.83
C VAL A 357 28.79 -9.25 22.04
N ILE A 358 27.98 -8.19 22.08
CA ILE A 358 26.94 -8.10 23.09
C ILE A 358 25.92 -9.21 22.89
N ARG A 359 25.62 -9.55 21.63
CA ARG A 359 24.92 -10.78 21.32
C ARG A 359 25.58 -11.97 22.01
N ASP A 360 26.91 -12.04 21.94
CA ASP A 360 27.64 -13.17 22.52
C ASP A 360 27.60 -13.15 24.04
N LYS A 361 27.57 -11.97 24.65
CA LYS A 361 27.48 -11.87 26.10
C LYS A 361 26.28 -12.65 26.63
N TRP A 362 25.08 -12.28 26.18
CA TRP A 362 23.90 -13.07 26.51
C TRP A 362 24.00 -14.47 25.93
N ASN A 363 24.67 -14.64 24.79
CA ASN A 363 24.90 -15.98 24.27
C ASN A 363 25.85 -16.78 25.17
N ALA A 364 26.83 -16.10 25.78
CA ALA A 364 27.82 -16.80 26.60
C ALA A 364 27.15 -17.57 27.74
N GLU A 365 26.26 -16.92 28.48
CA GLU A 365 25.48 -17.65 29.48
C GLU A 365 24.56 -18.67 28.83
N TYR A 366 23.91 -18.29 27.72
CA TYR A 366 22.83 -19.11 27.20
C TYR A 366 23.35 -20.29 26.38
N ASP A 367 24.49 -20.14 25.71
CA ASP A 367 25.08 -21.24 24.95
C ASP A 367 25.44 -22.42 25.85
N ALA A 375 26.99 -29.37 22.58
CA ALA A 375 26.26 -28.23 22.03
C ALA A 375 25.72 -28.55 20.64
N VAL A 376 24.51 -29.11 20.59
CA VAL A 376 23.86 -29.48 19.34
C VAL A 376 22.59 -28.64 19.21
N VAL A 377 22.27 -28.26 17.98
CA VAL A 377 21.23 -27.27 17.69
C VAL A 377 20.17 -27.92 16.80
N THR A 378 19.14 -28.48 17.41
CA THR A 378 17.90 -28.71 16.68
C THR A 378 17.20 -27.36 16.53
N GLU A 379 16.70 -27.06 15.34
CA GLU A 379 16.14 -25.72 15.12
C GLU A 379 14.97 -25.44 16.04
N LYS A 380 14.23 -26.48 16.44
CA LYS A 380 13.21 -26.31 17.47
C LYS A 380 13.83 -25.76 18.74
N TYR A 381 15.04 -26.21 19.08
CA TYR A 381 15.81 -25.58 20.15
C TYR A 381 16.40 -24.25 19.70
N GLU A 382 16.79 -24.14 18.43
CA GLU A 382 17.38 -22.90 17.94
C GLU A 382 16.38 -21.75 17.97
N ASP A 383 15.15 -22.00 17.55
CA ASP A 383 14.13 -20.95 17.60
C ASP A 383 13.94 -20.46 19.03
N ASP A 384 13.66 -21.39 19.95
CA ASP A 384 13.59 -21.03 21.37
C ASP A 384 14.87 -20.33 21.82
N ARG A 385 16.03 -20.83 21.39
CA ARG A 385 17.28 -20.10 21.61
C ARG A 385 17.23 -18.71 21.01
N ARG A 386 16.64 -18.56 19.83
CA ARG A 386 16.57 -17.26 19.18
C ARG A 386 15.35 -16.46 19.66
N LYS A 387 14.23 -17.15 19.91
CA LYS A 387 13.01 -16.47 20.32
C LYS A 387 13.12 -15.90 21.73
N SER A 388 13.75 -16.64 22.64
CA SER A 388 13.80 -16.22 24.04
C SER A 388 14.58 -14.93 24.21
N PHE A 389 15.69 -14.78 23.47
CA PHE A 389 16.45 -13.54 23.56
C PHE A 389 15.65 -12.36 23.02
N LYS A 390 14.79 -12.60 22.03
CA LYS A 390 13.92 -11.53 21.53
C LYS A 390 12.87 -11.16 22.57
N LYS A 391 12.42 -12.13 23.38
CA LYS A 391 11.45 -11.86 24.43
C LYS A 391 11.92 -10.75 25.37
N ILE A 392 13.22 -10.69 25.63
CA ILE A 392 13.76 -9.75 26.60
C ILE A 392 13.47 -8.32 26.16
N GLY A 393 13.10 -7.48 27.12
CA GLY A 393 12.72 -6.11 26.83
C GLY A 393 13.88 -5.13 26.76
N SER A 394 14.91 -5.33 27.58
CA SER A 394 15.99 -4.37 27.66
C SER A 394 17.16 -4.97 28.43
N PHE A 395 18.24 -4.18 28.53
CA PHE A 395 19.46 -4.57 29.23
C PHE A 395 19.93 -3.39 30.08
N SER A 396 20.38 -3.70 31.29
CA SER A 396 20.95 -2.67 32.14
C SER A 396 22.36 -2.32 31.69
N LEU A 397 22.82 -1.14 32.09
CA LEU A 397 24.23 -0.81 31.92
C LEU A 397 25.12 -1.76 32.71
N GLU A 398 24.59 -2.29 33.81
CA GLU A 398 25.32 -3.30 34.59
C GLU A 398 25.43 -4.60 33.81
N GLN A 399 24.31 -5.06 33.23
CA GLN A 399 24.35 -6.25 32.38
C GLN A 399 25.29 -6.06 31.20
N LEU A 400 25.26 -4.87 30.59
CA LEU A 400 26.16 -4.58 29.48
C LEU A 400 27.61 -4.48 29.94
N GLN A 401 27.83 -4.05 31.18
CA GLN A 401 29.18 -4.08 31.75
C GLN A 401 29.59 -5.50 32.12
N GLU A 402 28.62 -6.34 32.51
CA GLU A 402 28.91 -7.77 32.66
C GLU A 402 29.43 -8.36 31.35
N TYR A 403 28.95 -7.82 30.22
CA TYR A 403 29.52 -8.15 28.92
C TYR A 403 30.93 -7.57 28.78
N ALA A 404 31.14 -6.37 29.30
CA ALA A 404 32.37 -5.63 29.03
C ALA A 404 33.57 -6.34 29.62
N ASP A 405 34.53 -6.69 28.75
CA ASP A 405 35.80 -7.22 29.22
C ASP A 405 36.45 -6.24 30.19
N ALA A 406 37.21 -6.77 31.13
CA ALA A 406 37.87 -5.93 32.12
C ALA A 406 38.75 -4.88 31.44
N ASP A 407 38.95 -3.77 32.15
CA ASP A 407 39.72 -2.58 31.75
C ASP A 407 38.90 -1.70 30.81
N LEU A 408 37.68 -2.09 30.46
CA LEU A 408 36.81 -1.32 29.59
C LEU A 408 35.56 -0.93 30.35
N SER A 409 35.27 0.38 30.41
CA SER A 409 34.12 0.90 31.14
C SER A 409 33.02 1.25 30.13
N VAL A 410 31.88 0.57 30.25
CA VAL A 410 30.79 0.77 29.30
C VAL A 410 30.17 2.15 29.49
N VAL A 411 30.03 2.61 30.73
CA VAL A 411 29.41 3.91 30.98
C VAL A 411 30.30 5.04 30.47
N GLU A 412 31.62 4.92 30.64
CA GLU A 412 32.52 6.01 30.30
C GLU A 412 32.61 6.23 28.80
N LYS A 413 32.69 5.16 28.00
CA LYS A 413 32.83 5.34 26.57
C LYS A 413 31.48 5.57 25.91
N LEU A 414 30.38 5.19 26.57
CA LEU A 414 29.07 5.71 26.20
C LEU A 414 29.00 7.22 26.41
N LYS A 415 29.60 7.70 27.51
CA LYS A 415 29.62 9.13 27.77
C LYS A 415 30.34 9.89 26.66
N GLU A 416 31.48 9.37 26.21
CA GLU A 416 32.25 10.04 25.17
C GLU A 416 31.54 9.97 23.81
N ILE A 417 30.64 9.01 23.62
CA ILE A 417 29.89 8.93 22.38
C ILE A 417 28.73 9.92 22.40
N ILE A 418 27.99 9.98 23.50
CA ILE A 418 26.87 10.91 23.60
C ILE A 418 27.37 12.35 23.58
N ILE A 419 28.42 12.63 24.36
CA ILE A 419 28.99 13.98 24.40
C ILE A 419 29.49 14.38 23.02
N GLN A 420 30.08 13.43 22.29
CA GLN A 420 30.51 13.70 20.92
C GLN A 420 29.34 14.15 20.06
N LYS A 421 28.15 13.57 20.28
CA LYS A 421 27.01 13.92 19.44
C LYS A 421 26.48 15.32 19.75
N VAL A 422 26.62 15.79 20.99
CA VAL A 422 26.16 17.13 21.31
C VAL A 422 27.18 18.16 20.81
N ASP A 423 28.47 17.83 20.80
CA ASP A 423 29.46 18.74 20.24
C ASP A 423 29.28 18.88 18.73
N GLU A 424 28.81 17.82 18.06
CA GLU A 424 28.50 17.91 16.65
C GLU A 424 27.30 18.83 16.41
N ILE A 425 26.35 18.86 17.34
CA ILE A 425 25.23 19.78 17.22
C ILE A 425 25.69 21.22 17.36
N TYR A 426 26.60 21.48 18.31
CA TYR A 426 27.04 22.85 18.56
C TYR A 426 27.92 23.37 17.42
N LYS A 427 28.71 22.51 16.80
CA LYS A 427 29.49 22.93 15.64
C LYS A 427 28.58 23.27 14.47
N VAL A 428 27.55 22.45 14.25
CA VAL A 428 26.63 22.70 13.14
C VAL A 428 25.79 23.95 13.41
N TYR A 429 25.57 24.30 14.68
CA TYR A 429 24.88 25.54 15.00
C TYR A 429 25.69 26.74 14.56
N GLY A 430 27.01 26.73 14.80
CA GLY A 430 27.84 27.85 14.41
C GLY A 430 27.91 28.06 12.91
N SER A 431 27.81 26.97 12.14
CA SER A 431 27.75 27.07 10.69
C SER A 431 26.39 27.55 10.20
N SER A 432 25.37 27.50 11.05
CA SER A 432 24.02 27.91 10.71
C SER A 432 23.61 29.21 11.40
N GLU A 433 24.56 29.92 12.00
CA GLU A 433 24.24 30.97 12.97
C GLU A 433 23.52 32.15 12.31
N LYS A 434 23.97 32.55 11.13
CA LYS A 434 23.27 33.61 10.43
C LYS A 434 21.82 33.24 10.09
N LEU A 435 21.48 31.95 10.07
CA LEU A 435 20.08 31.51 9.99
C LEU A 435 19.35 31.59 11.32
N PHE A 436 19.78 32.42 12.24
CA PHE A 436 19.01 32.68 13.44
C PHE A 436 19.08 34.13 13.83
N ASP A 437 19.69 34.93 12.98
CA ASP A 437 19.62 36.37 13.09
C ASP A 437 18.20 36.84 12.89
N ALA A 438 17.77 37.76 13.77
CA ALA A 438 16.52 38.47 13.53
C ALA A 438 16.57 39.29 12.26
N ASP A 439 17.77 39.62 11.77
CA ASP A 439 17.96 40.44 10.58
C ASP A 439 17.78 39.67 9.28
N PHE A 440 17.73 38.35 9.33
CA PHE A 440 17.80 37.55 8.11
C PHE A 440 16.51 37.69 7.30
N VAL A 441 16.68 37.83 5.99
CA VAL A 441 15.60 37.75 5.02
C VAL A 441 16.04 36.83 3.89
N LEU A 442 15.07 36.21 3.24
CA LEU A 442 15.32 35.17 2.27
C LEU A 442 15.51 35.77 0.88
N GLU A 443 16.66 35.52 0.27
CA GLU A 443 16.94 36.05 -1.05
C GLU A 443 16.14 35.31 -2.12
N LYS A 444 16.06 33.98 -2.03
CA LYS A 444 15.45 33.16 -3.06
C LYS A 444 14.57 32.10 -2.41
N SER A 445 13.71 31.49 -3.22
CA SER A 445 12.87 30.41 -2.74
C SER A 445 13.72 29.21 -2.34
N LEU A 446 13.25 28.47 -1.32
CA LEU A 446 14.03 27.38 -0.74
C LEU A 446 14.45 26.35 -1.78
N LYS A 447 13.50 25.88 -2.58
CA LYS A 447 13.83 24.86 -3.58
C LYS A 447 14.87 25.39 -4.56
N LYS A 448 14.79 26.67 -4.90
CA LYS A 448 15.88 27.32 -5.64
C LYS A 448 17.12 27.46 -4.77
N ASN A 449 16.95 27.61 -3.46
CA ASN A 449 18.05 27.92 -2.55
C ASN A 449 18.57 26.63 -1.93
N ASP A 450 19.42 25.94 -2.70
CA ASP A 450 20.03 24.71 -2.21
C ASP A 450 20.87 24.97 -0.97
N ALA A 451 21.57 26.11 -0.93
CA ALA A 451 22.47 26.41 0.18
C ALA A 451 21.70 26.48 1.49
N VAL A 452 20.60 27.24 1.52
CA VAL A 452 19.84 27.39 2.76
C VAL A 452 19.20 26.07 3.18
N VAL A 453 18.62 25.35 2.22
CA VAL A 453 18.01 24.05 2.53
C VAL A 453 19.05 23.09 3.09
N ALA A 454 20.29 23.18 2.58
CA ALA A 454 21.36 22.33 3.10
C ALA A 454 21.72 22.70 4.54
N ILE A 455 21.66 23.99 4.86
CA ILE A 455 21.97 24.43 6.22
C ILE A 455 20.95 23.90 7.22
N MET A 456 19.67 24.06 6.91
CA MET A 456 18.62 23.56 7.80
C MET A 456 18.66 22.04 7.95
N LYS A 457 18.86 21.35 6.85
CA LYS A 457 18.96 19.89 6.86
C LYS A 457 20.09 19.42 7.78
N ASP A 458 21.27 20.03 7.64
CA ASP A 458 22.42 19.62 8.45
C ASP A 458 22.12 19.74 9.94
N LEU A 459 21.49 20.85 10.34
CA LEU A 459 21.18 21.07 11.75
C LEU A 459 20.09 20.12 12.22
N LEU A 460 19.02 19.98 11.43
CA LEU A 460 17.95 19.05 11.77
C LEU A 460 18.49 17.63 11.91
N ASP A 461 19.38 17.23 11.01
CA ASP A 461 19.92 15.87 11.05
C ASP A 461 20.74 15.63 12.31
N SER A 462 21.63 16.58 12.64
CA SER A 462 22.49 16.40 13.81
C SER A 462 21.69 16.34 15.10
N VAL A 463 20.53 17.00 15.15
CA VAL A 463 19.68 16.92 16.33
C VAL A 463 18.80 15.68 16.28
N LYS A 464 18.24 15.37 15.11
CA LYS A 464 17.42 14.17 14.96
C LYS A 464 18.23 12.91 15.29
N SER A 465 19.47 12.85 14.81
CA SER A 465 20.32 11.70 15.12
C SER A 465 20.62 11.61 16.60
N PHE A 466 20.90 12.76 17.24
CA PHE A 466 21.11 12.76 18.69
C PHE A 466 19.86 12.33 19.44
N GLU A 467 18.69 12.81 19.00
CA GLU A 467 17.45 12.37 19.62
C GLU A 467 17.23 10.88 19.41
N ASN A 468 17.38 10.41 18.18
CA ASN A 468 17.09 9.01 17.87
C ASN A 468 18.06 8.06 18.56
N TYR A 469 19.28 8.53 18.83
CA TYR A 469 20.26 7.71 19.53
C TYR A 469 19.98 7.65 21.03
N ILE A 470 19.61 8.79 21.63
CA ILE A 470 19.37 8.86 23.06
C ILE A 470 18.09 8.14 23.46
N LYS A 471 17.15 8.01 22.53
CA LYS A 471 15.88 7.32 22.80
C LYS A 471 16.09 5.90 23.31
N ALA A 472 17.28 5.32 23.12
CA ALA A 472 17.49 3.93 23.50
C ALA A 472 17.44 3.73 25.01
N PHE A 473 17.75 4.77 25.78
CA PHE A 473 17.84 4.66 27.24
C PHE A 473 16.46 4.70 27.89
N PHE A 474 15.60 3.79 27.45
CA PHE A 474 14.26 3.63 28.03
C PHE A 474 14.11 2.28 28.72
N GLY A 475 14.31 1.19 27.99
CA GLY A 475 14.00 -0.11 28.53
C GLY A 475 12.53 -0.47 28.58
N GLU A 476 11.68 0.31 27.90
CA GLU A 476 10.23 0.18 27.87
C GLU A 476 9.65 -0.24 29.22
N GLY A 477 10.25 0.23 30.32
CA GLY A 477 9.97 -0.32 31.64
C GLY A 477 8.77 0.29 32.32
N LYS A 478 7.92 -0.56 32.92
CA LYS A 478 7.98 -2.05 32.98
C LYS A 478 9.31 -2.65 33.48
N GLU A 479 9.94 -1.99 34.45
CA GLU A 479 11.35 -2.28 34.71
C GLU A 479 11.63 -2.23 36.21
N THR A 480 12.24 -3.29 36.73
CA THR A 480 12.67 -3.33 38.12
C THR A 480 13.48 -2.09 38.45
N ASN A 481 13.46 -1.70 39.74
CA ASN A 481 13.87 -0.39 40.26
C ASN A 481 14.73 0.41 39.31
N ARG A 482 14.21 1.53 38.84
CA ARG A 482 14.89 2.39 37.90
C ARG A 482 15.50 3.57 38.62
N ASP A 483 16.63 4.06 38.11
CA ASP A 483 17.28 5.25 38.66
C ASP A 483 16.41 6.46 38.31
N GLU A 484 15.39 6.68 39.14
CA GLU A 484 14.49 7.81 38.93
C GLU A 484 15.20 9.14 39.06
N SER A 485 16.33 9.19 39.77
CA SER A 485 17.14 10.39 39.78
C SER A 485 17.72 10.69 38.40
N PHE A 486 18.02 9.63 37.63
CA PHE A 486 18.46 9.82 36.26
C PHE A 486 17.28 10.04 35.32
N TYR A 487 16.21 9.24 35.48
CA TYR A 487 15.06 9.30 34.60
C TYR A 487 14.11 10.44 34.92
N GLY A 488 14.37 11.20 35.98
CA GLY A 488 13.64 12.44 36.20
C GLY A 488 14.13 13.50 35.25
N ASP A 489 15.43 13.84 35.36
CA ASP A 489 16.03 14.83 34.46
C ASP A 489 15.91 14.38 33.00
N PHE A 490 16.03 13.08 32.76
CA PHE A 490 16.07 12.57 31.39
C PHE A 490 14.70 12.70 30.73
N VAL A 491 13.63 12.34 31.44
CA VAL A 491 12.29 12.39 30.85
C VAL A 491 11.84 13.83 30.68
N LEU A 492 12.18 14.71 31.64
CA LEU A 492 11.81 16.12 31.50
C LEU A 492 12.40 16.73 30.24
N ALA A 493 13.67 16.43 29.95
CA ALA A 493 14.33 17.05 28.80
C ALA A 493 13.96 16.35 27.49
N TYR A 494 13.76 15.04 27.52
CA TYR A 494 13.53 14.32 26.26
C TYR A 494 12.15 14.63 25.68
N ASP A 495 11.14 14.80 26.53
CA ASP A 495 9.81 15.12 26.02
C ASP A 495 9.81 16.43 25.24
N ILE A 496 10.71 17.35 25.59
CA ILE A 496 10.89 18.56 24.79
C ILE A 496 11.61 18.24 23.49
N LEU A 497 12.72 17.50 23.59
CA LEU A 497 13.54 17.18 22.42
C LEU A 497 12.76 16.41 21.36
N LEU A 498 11.75 15.63 21.77
CA LEU A 498 10.99 14.83 20.81
C LEU A 498 10.23 15.69 19.80
N LYS A 499 10.05 16.99 20.08
CA LYS A 499 9.34 17.87 19.16
C LYS A 499 10.04 17.99 17.82
N VAL A 500 11.34 17.69 17.74
CA VAL A 500 12.07 17.82 16.48
C VAL A 500 11.58 16.82 15.44
N ASP A 501 10.94 15.73 15.85
CA ASP A 501 10.45 14.74 14.91
C ASP A 501 9.39 15.34 13.99
N HIS A 502 8.38 15.99 14.57
CA HIS A 502 7.34 16.62 13.77
C HIS A 502 7.91 17.73 12.89
N ILE A 503 8.82 18.54 13.45
CA ILE A 503 9.41 19.63 12.70
C ILE A 503 10.17 19.09 11.49
N TYR A 504 10.98 18.05 11.71
CA TYR A 504 11.76 17.47 10.63
C TYR A 504 10.89 17.01 9.46
N ASP A 505 9.85 16.23 9.76
CA ASP A 505 9.01 15.67 8.70
C ASP A 505 8.33 16.78 7.90
N ALA A 506 7.84 17.82 8.58
CA ALA A 506 7.09 18.86 7.89
C ALA A 506 7.99 19.67 6.96
N ILE A 507 9.19 20.01 7.41
CA ILE A 507 10.10 20.82 6.59
C ILE A 507 10.57 20.03 5.38
N ARG A 508 10.83 18.73 5.56
CA ARG A 508 11.22 17.89 4.42
C ARG A 508 10.08 17.78 3.42
N ASN A 509 8.89 17.37 3.90
CA ASN A 509 7.73 17.22 3.03
C ASN A 509 7.49 18.49 2.20
N TYR A 510 7.93 19.64 2.70
CA TYR A 510 7.80 20.88 1.95
C TYR A 510 8.88 21.01 0.88
N VAL A 511 10.14 20.75 1.23
CA VAL A 511 11.22 20.83 0.25
C VAL A 511 11.04 19.79 -0.84
N THR A 512 10.49 18.63 -0.49
CA THR A 512 10.30 17.55 -1.44
C THR A 512 9.10 17.78 -2.37
N GLN A 513 8.24 18.73 -2.05
CA GLN A 513 7.07 19.04 -2.84
C GLN A 513 7.47 19.51 -4.25
N LYS A 514 6.48 19.52 -5.14
CA LYS A 514 6.63 20.08 -6.47
C LYS A 514 6.48 21.59 -6.42
N PRO A 515 7.01 22.31 -7.43
CA PRO A 515 6.81 23.77 -7.46
C PRO A 515 5.39 24.18 -7.78
N TYR A 516 4.70 23.44 -8.64
CA TYR A 516 3.33 23.75 -9.01
C TYR A 516 2.33 23.11 -8.07
N SER A 517 1.15 23.71 -7.99
CA SER A 517 0.09 23.28 -7.09
C SER A 517 -1.06 22.69 -7.90
N LYS A 518 -1.53 21.53 -7.48
CA LYS A 518 -2.68 20.88 -8.10
C LYS A 518 -4.01 21.29 -7.47
N ASP A 519 -3.98 22.22 -6.53
CA ASP A 519 -5.21 22.68 -5.89
C ASP A 519 -6.21 23.15 -6.95
N LYS A 520 -7.47 22.73 -6.78
CA LYS A 520 -8.53 23.12 -7.69
C LYS A 520 -9.83 23.19 -6.91
N PHE A 521 -10.86 23.75 -7.53
CA PHE A 521 -12.18 23.82 -6.95
C PHE A 521 -13.22 23.41 -7.99
N LYS A 522 -14.27 22.76 -7.53
CA LYS A 522 -15.30 22.22 -8.39
C LYS A 522 -16.20 23.33 -8.92
N LEU A 523 -16.64 23.17 -10.17
CA LEU A 523 -17.53 24.14 -10.81
C LEU A 523 -18.93 23.55 -10.88
N TYR A 524 -19.92 24.35 -10.46
CA TYR A 524 -21.31 23.93 -10.47
C TYR A 524 -22.17 24.63 -11.51
N PHE A 525 -21.77 25.81 -11.98
CA PHE A 525 -22.62 26.66 -12.82
C PHE A 525 -24.01 26.83 -12.19
N GLN A 526 -24.01 27.15 -10.89
CA GLN A 526 -25.22 27.45 -10.14
C GLN A 526 -26.27 26.35 -10.25
N ASN A 527 -25.81 25.09 -10.35
CA ASN A 527 -26.69 23.94 -10.28
C ASN A 527 -26.14 23.00 -9.22
N PRO A 528 -26.90 22.70 -8.16
CA PRO A 528 -26.40 21.74 -7.16
C PRO A 528 -26.25 20.33 -7.70
N GLN A 529 -27.06 19.94 -8.70
CA GLN A 529 -26.91 18.64 -9.36
C GLN A 529 -26.22 18.77 -10.71
N PHE A 530 -25.30 19.72 -10.84
CA PHE A 530 -24.70 20.02 -12.14
C PHE A 530 -24.04 18.80 -12.76
N MET A 531 -24.40 18.53 -14.02
CA MET A 531 -23.79 17.46 -14.81
C MET A 531 -23.93 16.10 -14.13
N GLY A 532 -25.05 15.91 -13.41
CA GLY A 532 -25.25 14.68 -12.68
C GLY A 532 -25.31 13.45 -13.57
N GLY A 533 -25.89 13.59 -14.76
CA GLY A 533 -25.99 12.47 -15.68
C GLY A 533 -26.12 12.98 -17.10
N TRP A 534 -26.04 12.04 -18.04
CA TRP A 534 -26.07 12.37 -19.45
C TRP A 534 -27.39 12.05 -20.14
N ASP A 535 -28.39 11.58 -19.39
CA ASP A 535 -29.63 11.15 -20.02
C ASP A 535 -30.32 12.33 -20.71
N LYS A 536 -30.92 12.05 -21.86
CA LYS A 536 -31.49 13.12 -22.70
C LYS A 536 -32.64 13.82 -21.99
N ASP A 537 -33.53 13.05 -21.36
CA ASP A 537 -34.67 13.65 -20.68
C ASP A 537 -34.22 14.61 -19.58
N LYS A 538 -33.11 14.29 -18.92
CA LYS A 538 -32.60 15.08 -17.80
C LYS A 538 -31.64 16.18 -18.23
N GLU A 539 -31.43 16.35 -19.54
CA GLU A 539 -30.44 17.31 -20.02
C GLU A 539 -30.79 18.74 -19.66
N THR A 540 -32.10 19.05 -19.61
CA THR A 540 -32.52 20.37 -19.16
C THR A 540 -32.16 20.60 -17.69
N ASP A 541 -32.34 19.56 -16.86
CA ASP A 541 -32.07 19.71 -15.43
C ASP A 541 -30.59 19.83 -15.14
N TYR A 542 -29.75 19.06 -15.84
CA TYR A 542 -28.33 19.02 -15.53
C TYR A 542 -27.56 20.14 -16.23
N ARG A 543 -27.99 20.53 -17.43
CA ARG A 543 -27.45 21.67 -18.18
C ARG A 543 -26.02 21.43 -18.65
N ALA A 544 -25.70 20.20 -19.03
CA ALA A 544 -24.42 19.88 -19.62
C ALA A 544 -24.59 18.69 -20.56
N THR A 545 -23.89 18.72 -21.68
CA THR A 545 -24.01 17.66 -22.68
C THR A 545 -22.71 17.60 -23.48
N ILE A 546 -22.66 16.68 -24.44
CA ILE A 546 -21.45 16.39 -25.20
C ILE A 546 -21.74 16.55 -26.68
N LEU A 547 -20.92 17.36 -27.35
CA LEU A 547 -21.01 17.57 -28.79
C LEU A 547 -19.75 17.06 -29.47
N ARG A 548 -19.89 16.60 -30.71
CA ARG A 548 -18.77 16.15 -31.52
C ARG A 548 -18.77 16.90 -32.84
N TYR A 549 -17.59 17.30 -33.30
CA TYR A 549 -17.41 17.89 -34.62
C TYR A 549 -16.17 17.26 -35.24
N GLY A 550 -16.38 16.29 -36.12
CA GLY A 550 -15.25 15.58 -36.67
C GLY A 550 -14.55 14.77 -35.60
N SER A 551 -13.25 15.03 -35.43
CA SER A 551 -12.47 14.32 -34.42
C SER A 551 -12.56 14.98 -33.05
N LYS A 552 -12.98 16.24 -32.99
CA LYS A 552 -13.01 16.99 -31.74
C LYS A 552 -14.30 16.72 -30.97
N TYR A 553 -14.18 16.73 -29.65
CA TYR A 553 -15.30 16.59 -28.73
C TYR A 553 -15.42 17.83 -27.85
N TYR A 554 -16.66 18.15 -27.45
CA TYR A 554 -16.93 19.36 -26.71
C TYR A 554 -17.92 19.09 -25.58
N LEU A 555 -17.68 19.72 -24.44
CA LEU A 555 -18.64 19.77 -23.34
C LEU A 555 -19.40 21.09 -23.42
N ALA A 556 -20.71 21.02 -23.62
CA ALA A 556 -21.56 22.19 -23.76
C ALA A 556 -22.39 22.38 -22.49
N ILE A 557 -22.46 23.62 -22.01
CA ILE A 557 -23.07 23.95 -20.73
C ILE A 557 -24.11 25.04 -20.96
N MET A 558 -25.37 24.74 -20.70
CA MET A 558 -26.43 25.73 -20.83
C MET A 558 -26.44 26.65 -19.62
N ASP A 559 -26.57 27.95 -19.87
CA ASP A 559 -26.61 28.91 -18.78
C ASP A 559 -27.95 28.84 -18.05
N LYS A 560 -27.93 29.23 -16.77
CA LYS A 560 -29.11 29.06 -15.92
C LYS A 560 -30.33 29.79 -16.47
N LYS A 561 -30.14 30.91 -17.15
CA LYS A 561 -31.26 31.65 -17.70
C LYS A 561 -31.81 31.03 -18.98
N TYR A 562 -31.04 30.14 -19.63
CA TYR A 562 -31.42 29.52 -20.90
C TYR A 562 -31.11 28.02 -20.84
N ALA A 563 -31.85 27.30 -19.99
CA ALA A 563 -31.61 25.86 -19.87
C ALA A 563 -32.09 25.10 -21.09
N LYS A 564 -33.11 25.61 -21.78
CA LYS A 564 -33.72 24.92 -22.91
C LYS A 564 -33.16 25.37 -24.25
N CYS A 565 -32.11 26.21 -24.24
CA CYS A 565 -31.65 26.82 -25.48
C CYS A 565 -31.10 25.80 -26.46
N LEU A 566 -30.52 24.71 -25.96
CA LEU A 566 -30.00 23.67 -26.85
C LEU A 566 -31.10 22.81 -27.46
N GLN A 567 -32.25 22.73 -26.79
CA GLN A 567 -33.31 21.81 -27.21
C GLN A 567 -34.05 22.31 -28.45
N LYS A 568 -34.13 23.63 -28.64
CA LYS A 568 -34.84 24.20 -29.76
C LYS A 568 -34.10 24.04 -31.08
N ILE A 569 -32.77 23.87 -31.03
CA ILE A 569 -31.96 23.80 -32.25
C ILE A 569 -32.36 22.60 -33.09
N ASP A 570 -32.43 22.81 -34.41
CA ASP A 570 -32.69 21.75 -35.36
C ASP A 570 -31.53 21.60 -36.33
N LYS A 571 -31.48 20.45 -36.99
CA LYS A 571 -30.43 20.19 -37.97
C LYS A 571 -30.49 21.21 -39.10
N ASP A 572 -29.32 21.64 -39.55
CA ASP A 572 -29.20 22.56 -40.68
C ASP A 572 -28.71 21.76 -41.87
N ASP A 573 -29.53 21.71 -42.93
CA ASP A 573 -29.20 20.91 -44.10
C ASP A 573 -28.01 21.49 -44.85
N VAL A 574 -27.97 22.80 -45.04
CA VAL A 574 -26.98 23.41 -45.93
C VAL A 574 -25.62 23.52 -45.25
N ASN A 575 -25.59 24.01 -44.02
CA ASN A 575 -24.34 24.38 -43.36
C ASN A 575 -23.85 23.26 -42.44
N GLY A 576 -22.69 23.48 -41.83
CA GLY A 576 -22.11 22.50 -40.94
C GLY A 576 -23.00 22.22 -39.74
N ASN A 577 -22.85 21.03 -39.18
CA ASN A 577 -23.70 20.56 -38.10
C ASN A 577 -22.86 19.94 -37.00
N TYR A 578 -23.17 20.27 -35.75
CA TYR A 578 -22.61 19.52 -34.64
C TYR A 578 -23.34 18.18 -34.49
N GLU A 579 -22.63 17.22 -33.90
CA GLU A 579 -23.23 15.95 -33.49
C GLU A 579 -23.53 16.05 -32.00
N LYS A 580 -24.83 16.11 -31.68
CA LYS A 580 -25.29 16.20 -30.29
C LYS A 580 -25.57 14.80 -29.77
N ILE A 581 -25.05 14.50 -28.59
CA ILE A 581 -25.21 13.16 -28.02
C ILE A 581 -26.66 12.94 -27.61
N ASN A 582 -27.17 11.74 -27.90
CA ASN A 582 -28.47 11.29 -27.44
C ASN A 582 -28.23 10.06 -26.58
N TYR A 583 -28.21 10.27 -25.27
CA TYR A 583 -27.80 9.26 -24.30
C TYR A 583 -29.02 8.91 -23.45
N LYS A 584 -29.36 7.63 -23.42
CA LYS A 584 -30.47 7.14 -22.59
C LYS A 584 -29.99 5.96 -21.77
N LEU A 585 -30.26 6.01 -20.47
CA LEU A 585 -29.82 5.00 -19.51
C LEU A 585 -30.98 4.64 -18.61
N LEU A 586 -31.14 3.35 -18.34
CA LEU A 586 -32.06 2.91 -17.29
C LEU A 586 -31.21 2.37 -16.14
N PRO A 587 -30.95 3.18 -15.11
CA PRO A 587 -29.94 2.81 -14.12
C PRO A 587 -30.50 2.02 -12.94
N GLY A 588 -29.92 0.84 -12.70
CA GLY A 588 -30.33 -0.01 -11.61
C GLY A 588 -31.79 -0.36 -11.69
N PRO A 589 -32.14 -1.23 -12.65
CA PRO A 589 -33.57 -1.55 -12.84
C PRO A 589 -34.22 -2.10 -11.58
N ASN A 590 -33.49 -2.92 -10.81
CA ASN A 590 -33.99 -3.39 -9.53
C ASN A 590 -34.38 -2.24 -8.62
N LYS A 591 -33.68 -1.11 -8.71
CA LYS A 591 -34.07 0.09 -7.98
C LYS A 591 -35.12 0.88 -8.76
N MET A 592 -34.90 1.05 -10.05
CA MET A 592 -35.73 1.96 -10.83
C MET A 592 -37.10 1.37 -11.16
N LEU A 593 -37.14 0.09 -11.53
CA LEU A 593 -38.41 -0.49 -11.98
C LEU A 593 -39.52 -0.40 -10.93
N PRO A 594 -39.32 -0.76 -9.66
CA PRO A 594 -40.43 -0.63 -8.70
C PRO A 594 -40.86 0.80 -8.46
N LYS A 595 -39.91 1.71 -8.27
CA LYS A 595 -40.25 3.07 -7.88
C LYS A 595 -41.13 3.75 -8.93
N VAL A 596 -40.85 3.52 -10.20
CA VAL A 596 -41.68 4.10 -11.25
C VAL A 596 -43.04 3.43 -11.29
N PHE A 597 -43.09 2.12 -11.06
CA PHE A 597 -44.34 1.39 -11.20
C PHE A 597 -45.16 1.31 -9.93
N PHE A 598 -44.53 1.51 -8.76
CA PHE A 598 -45.25 1.62 -7.49
C PHE A 598 -45.33 3.05 -6.99
N SER A 599 -44.95 4.02 -7.80
CA SER A 599 -45.13 5.41 -7.44
C SER A 599 -46.60 5.76 -7.36
N LYS A 600 -46.91 6.77 -6.53
CA LYS A 600 -48.26 7.33 -6.51
C LYS A 600 -48.75 7.65 -7.92
N LYS A 601 -47.88 8.22 -8.76
CA LYS A 601 -48.31 8.67 -10.07
C LYS A 601 -48.71 7.51 -10.97
N TRP A 602 -47.97 6.40 -10.92
CA TRP A 602 -48.27 5.26 -11.78
C TRP A 602 -49.18 4.23 -11.12
N MET A 603 -49.08 4.06 -9.80
CA MET A 603 -49.97 3.13 -9.11
C MET A 603 -51.43 3.49 -9.35
N ALA A 604 -51.75 4.78 -9.35
CA ALA A 604 -53.11 5.20 -9.67
C ALA A 604 -53.46 4.89 -11.11
N TYR A 605 -52.55 5.20 -12.05
CA TYR A 605 -52.77 4.89 -13.45
C TYR A 605 -53.04 3.40 -13.65
N TYR A 606 -52.15 2.56 -13.18
CA TYR A 606 -52.17 1.14 -13.46
C TYR A 606 -52.64 0.41 -12.20
N ASN A 607 -53.81 -0.21 -12.28
CA ASN A 607 -54.29 -1.04 -11.17
C ASN A 607 -53.39 -2.26 -11.02
N PRO A 608 -52.63 -2.35 -9.93
CA PRO A 608 -51.84 -3.56 -9.66
C PRO A 608 -52.62 -4.52 -8.79
N SER A 609 -52.76 -5.77 -9.21
CA SER A 609 -53.54 -6.73 -8.43
C SER A 609 -52.98 -6.86 -7.02
N GLU A 610 -53.85 -7.22 -6.08
CA GLU A 610 -53.42 -7.35 -4.70
C GLU A 610 -52.35 -8.42 -4.54
N ASP A 611 -52.36 -9.42 -5.42
CA ASP A 611 -51.26 -10.39 -5.45
C ASP A 611 -49.93 -9.69 -5.71
N ILE A 612 -49.92 -8.71 -6.62
CA ILE A 612 -48.66 -8.10 -7.01
C ILE A 612 -48.12 -7.21 -5.89
N GLN A 613 -48.97 -6.36 -5.31
CA GLN A 613 -48.48 -5.55 -4.20
C GLN A 613 -48.19 -6.41 -2.97
N LYS A 614 -48.89 -7.53 -2.82
CA LYS A 614 -48.54 -8.51 -1.79
C LYS A 614 -47.13 -9.01 -2.01
N ILE A 615 -46.91 -9.72 -3.12
CA ILE A 615 -45.62 -10.27 -3.52
C ILE A 615 -44.50 -9.26 -3.27
N TYR A 616 -44.74 -8.01 -3.64
CA TYR A 616 -43.72 -6.99 -3.41
C TYR A 616 -43.59 -6.66 -1.92
N LYS A 617 -44.72 -6.37 -1.26
CA LYS A 617 -44.67 -6.09 0.17
C LYS A 617 -44.25 -7.32 0.96
N ASN A 618 -44.69 -8.51 0.53
CA ASN A 618 -44.28 -9.72 1.22
C ASN A 618 -42.81 -10.06 0.95
N GLY A 619 -42.32 -9.72 -0.25
CA GLY A 619 -40.97 -10.08 -0.64
C GLY A 619 -40.82 -11.48 -1.16
N THR A 620 -41.90 -12.08 -1.68
CA THR A 620 -41.84 -13.45 -2.15
C THR A 620 -41.09 -13.59 -3.47
N PHE A 621 -40.96 -12.51 -4.24
CA PHE A 621 -40.23 -12.61 -5.50
C PHE A 621 -38.73 -12.70 -5.25
N LYS A 622 -38.27 -12.15 -4.13
CA LYS A 622 -36.85 -12.10 -3.80
C LYS A 622 -36.36 -13.48 -3.38
N LYS A 623 -35.17 -13.85 -3.86
CA LYS A 623 -34.62 -15.17 -3.58
C LYS A 623 -34.48 -15.38 -2.07
N GLY A 624 -34.75 -16.61 -1.64
CA GLY A 624 -34.69 -16.97 -0.25
C GLY A 624 -35.79 -17.95 0.11
N ASP A 625 -36.00 -18.12 1.41
CA ASP A 625 -37.06 -19.01 1.88
C ASP A 625 -38.44 -18.46 1.57
N MET A 626 -38.57 -17.14 1.52
CA MET A 626 -39.84 -16.52 1.15
C MET A 626 -40.13 -16.66 -0.34
N PHE A 627 -39.17 -17.16 -1.12
CA PHE A 627 -39.25 -17.12 -2.58
C PHE A 627 -40.22 -18.17 -3.10
N ASN A 628 -41.12 -17.73 -3.98
CA ASN A 628 -41.90 -18.62 -4.84
C ASN A 628 -41.62 -18.23 -6.28
N LEU A 629 -41.29 -19.22 -7.11
CA LEU A 629 -40.92 -18.94 -8.49
C LEU A 629 -42.09 -18.31 -9.24
N ASN A 630 -43.29 -18.85 -9.03
CA ASN A 630 -44.49 -18.33 -9.70
C ASN A 630 -44.76 -16.89 -9.28
N ASP A 631 -44.70 -16.61 -7.97
CA ASP A 631 -44.90 -15.25 -7.49
C ASP A 631 -43.95 -14.29 -8.19
N CYS A 632 -42.65 -14.63 -8.19
CA CYS A 632 -41.66 -13.78 -8.86
C CYS A 632 -41.95 -13.68 -10.36
N HIS A 633 -42.31 -14.80 -10.99
CA HIS A 633 -42.72 -14.77 -12.39
C HIS A 633 -43.85 -13.77 -12.62
N LYS A 634 -44.88 -13.82 -11.77
CA LYS A 634 -46.01 -12.90 -11.92
C LYS A 634 -45.55 -11.44 -11.86
N LEU A 635 -44.62 -11.13 -10.95
CA LEU A 635 -44.11 -9.77 -10.85
C LEU A 635 -43.41 -9.33 -12.13
N ILE A 636 -42.65 -10.23 -12.74
CA ILE A 636 -41.96 -9.90 -13.99
C ILE A 636 -42.96 -9.52 -15.06
N ASP A 637 -44.02 -10.31 -15.23
CA ASP A 637 -45.01 -10.02 -16.26
C ASP A 637 -45.69 -8.68 -15.98
N PHE A 638 -45.92 -8.37 -14.70
CA PHE A 638 -46.38 -7.03 -14.32
C PHE A 638 -45.41 -5.97 -14.85
N PHE A 639 -44.12 -6.13 -14.58
CA PHE A 639 -43.14 -5.16 -15.07
C PHE A 639 -43.11 -5.13 -16.59
N LYS A 640 -43.21 -6.30 -17.24
CA LYS A 640 -43.16 -6.34 -18.70
C LYS A 640 -44.33 -5.59 -19.32
N ASP A 641 -45.54 -5.79 -18.79
CA ASP A 641 -46.70 -5.09 -19.33
C ASP A 641 -46.64 -3.60 -19.03
N SER A 642 -46.17 -3.24 -17.83
CA SER A 642 -46.07 -1.82 -17.48
C SER A 642 -45.03 -1.11 -18.33
N ILE A 643 -43.91 -1.76 -18.60
CA ILE A 643 -42.91 -1.19 -19.52
C ILE A 643 -43.55 -0.92 -20.87
N SER A 644 -44.39 -1.83 -21.35
CA SER A 644 -45.12 -1.59 -22.60
C SER A 644 -46.04 -0.38 -22.46
N ARG A 645 -46.66 -0.24 -21.28
CA ARG A 645 -47.51 0.91 -21.02
C ARG A 645 -46.72 2.17 -20.70
N TYR A 646 -45.47 2.02 -20.27
CA TYR A 646 -44.58 3.12 -19.99
C TYR A 646 -43.72 3.42 -21.22
N PRO A 647 -44.11 4.39 -22.05
CA PRO A 647 -43.42 4.58 -23.33
C PRO A 647 -42.12 5.35 -23.21
N LYS A 648 -41.87 6.03 -22.10
CA LYS A 648 -40.59 6.72 -21.94
C LYS A 648 -39.44 5.72 -21.92
N TRP A 649 -39.71 4.47 -21.58
CA TRP A 649 -38.73 3.39 -21.62
C TRP A 649 -38.89 2.51 -22.85
N SER A 650 -40.12 2.06 -23.13
CA SER A 650 -40.35 1.13 -24.23
C SER A 650 -39.92 1.72 -25.57
N ASN A 651 -40.09 3.03 -25.76
CA ASN A 651 -39.69 3.65 -27.01
C ASN A 651 -38.20 3.96 -27.04
N ALA A 652 -37.57 4.14 -25.88
CA ALA A 652 -36.16 4.47 -25.84
C ALA A 652 -35.29 3.25 -26.09
N TYR A 653 -35.69 2.10 -25.58
CA TYR A 653 -34.90 0.88 -25.68
C TYR A 653 -35.71 -0.19 -26.41
N ASP A 654 -35.10 -0.79 -27.43
CA ASP A 654 -35.71 -1.89 -28.17
C ASP A 654 -35.70 -3.12 -27.27
N PHE A 655 -36.67 -3.20 -26.37
CA PHE A 655 -36.71 -4.27 -25.39
C PHE A 655 -37.09 -5.59 -26.05
N ASN A 656 -36.26 -6.60 -25.84
CA ASN A 656 -36.48 -7.96 -26.36
C ASN A 656 -36.23 -8.93 -25.22
N PHE A 657 -37.17 -9.04 -24.31
CA PHE A 657 -37.00 -9.83 -23.10
C PHE A 657 -37.09 -11.32 -23.40
N SER A 658 -36.33 -12.11 -22.65
CA SER A 658 -36.49 -13.56 -22.69
C SER A 658 -37.86 -13.93 -22.14
N GLU A 659 -38.37 -15.06 -22.62
CA GLU A 659 -39.72 -15.49 -22.23
C GLU A 659 -39.77 -15.72 -20.73
N THR A 660 -40.86 -15.25 -20.12
CA THR A 660 -40.91 -15.13 -18.66
C THR A 660 -40.63 -16.46 -17.97
N GLU A 661 -41.14 -17.57 -18.53
CA GLU A 661 -41.00 -18.86 -17.88
C GLU A 661 -39.54 -19.23 -17.64
N LYS A 662 -38.63 -18.71 -18.46
CA LYS A 662 -37.22 -19.11 -18.38
C LYS A 662 -36.50 -18.54 -17.16
N TYR A 663 -37.02 -17.46 -16.57
CA TYR A 663 -36.27 -16.75 -15.54
C TYR A 663 -36.13 -17.60 -14.28
N LYS A 664 -34.89 -17.71 -13.79
CA LYS A 664 -34.61 -18.43 -12.55
C LYS A 664 -34.99 -17.60 -11.33
N ASP A 665 -34.77 -16.29 -11.40
CA ASP A 665 -35.08 -15.38 -10.30
C ASP A 665 -35.44 -14.02 -10.89
N ILE A 666 -35.72 -13.06 -10.00
CA ILE A 666 -36.05 -11.70 -10.46
C ILE A 666 -34.80 -11.04 -11.05
N ALA A 667 -33.62 -11.39 -10.56
CA ALA A 667 -32.39 -10.79 -11.08
C ALA A 667 -32.17 -11.16 -12.54
N GLY A 668 -32.62 -12.34 -12.95
CA GLY A 668 -32.52 -12.72 -14.36
C GLY A 668 -33.28 -11.78 -15.26
N PHE A 669 -34.48 -11.37 -14.84
CA PHE A 669 -35.24 -10.37 -15.59
C PHE A 669 -34.53 -9.02 -15.54
N TYR A 670 -34.13 -8.59 -14.34
CA TYR A 670 -33.45 -7.31 -14.18
C TYR A 670 -32.21 -7.20 -15.04
N ARG A 671 -31.38 -8.25 -15.05
CA ARG A 671 -30.14 -8.22 -15.81
C ARG A 671 -30.38 -7.83 -17.26
N GLU A 672 -31.43 -8.39 -17.87
CA GLU A 672 -31.75 -8.02 -19.24
C GLU A 672 -32.10 -6.54 -19.32
N VAL A 673 -33.05 -6.10 -18.51
CA VAL A 673 -33.46 -4.69 -18.44
C VAL A 673 -32.23 -3.80 -18.38
N GLU A 674 -31.30 -4.14 -17.48
CA GLU A 674 -30.11 -3.31 -17.29
C GLU A 674 -29.26 -3.27 -18.55
N GLU A 675 -29.04 -4.43 -19.17
CA GLU A 675 -28.20 -4.47 -20.37
C GLU A 675 -28.90 -3.83 -21.56
N GLN A 676 -30.23 -3.98 -21.65
CA GLN A 676 -30.96 -3.31 -22.73
C GLN A 676 -31.07 -1.81 -22.48
N GLY A 677 -31.19 -1.41 -21.22
CA GLY A 677 -31.43 -0.02 -20.88
C GLY A 677 -30.23 0.89 -21.00
N TYR A 678 -29.60 0.90 -22.17
CA TYR A 678 -28.48 1.80 -22.46
C TYR A 678 -28.41 2.01 -23.97
N LYS A 679 -28.35 3.28 -24.38
CA LYS A 679 -28.28 3.60 -25.79
C LYS A 679 -27.59 4.94 -25.96
N VAL A 680 -26.60 4.98 -26.87
CA VAL A 680 -25.87 6.20 -27.16
C VAL A 680 -25.82 6.38 -28.67
N SER A 681 -26.36 7.48 -29.15
CA SER A 681 -26.31 7.86 -30.56
C SER A 681 -26.05 9.36 -30.64
N PHE A 682 -26.03 9.89 -31.86
CA PHE A 682 -25.80 11.30 -32.06
C PHE A 682 -26.86 11.88 -32.99
N GLU A 683 -27.24 13.13 -32.71
CA GLU A 683 -28.19 13.87 -33.51
C GLU A 683 -27.52 15.12 -34.06
N SER A 684 -27.90 15.50 -35.28
CA SER A 684 -27.33 16.71 -35.88
C SER A 684 -27.92 17.96 -35.24
N ALA A 685 -27.07 18.97 -35.08
CA ALA A 685 -27.49 20.26 -34.54
C ALA A 685 -26.73 21.35 -35.27
N SER A 686 -27.46 22.36 -35.75
CA SER A 686 -26.88 23.43 -36.58
C SER A 686 -25.67 24.06 -35.90
N LYS A 687 -24.53 24.01 -36.57
CA LYS A 687 -23.31 24.59 -35.99
C LYS A 687 -23.40 26.11 -35.94
N LYS A 688 -24.11 26.73 -36.89
CA LYS A 688 -24.33 28.16 -36.83
C LYS A 688 -25.14 28.52 -35.58
N GLU A 689 -26.33 27.90 -35.43
CA GLU A 689 -27.20 28.21 -34.30
C GLU A 689 -26.50 27.97 -32.97
N VAL A 690 -25.79 26.86 -32.85
CA VAL A 690 -25.10 26.54 -31.59
C VAL A 690 -24.03 27.58 -31.29
N ASP A 691 -23.24 27.95 -32.30
CA ASP A 691 -22.18 28.94 -32.09
C ASP A 691 -22.74 30.30 -31.71
N LYS A 692 -23.90 30.67 -32.25
CA LYS A 692 -24.57 31.90 -31.81
C LYS A 692 -24.93 31.82 -30.34
N LEU A 693 -25.38 30.66 -29.87
CA LEU A 693 -25.69 30.48 -28.47
C LEU A 693 -24.47 30.73 -27.60
N VAL A 694 -23.30 30.27 -28.05
CA VAL A 694 -22.07 30.48 -27.30
C VAL A 694 -21.71 31.96 -27.26
N GLU A 695 -21.73 32.61 -28.43
CA GLU A 695 -21.43 34.04 -28.49
C GLU A 695 -22.35 34.84 -27.59
N GLU A 696 -23.67 34.59 -27.68
CA GLU A 696 -24.64 35.34 -26.92
C GLU A 696 -24.53 35.12 -25.41
N GLY A 697 -23.73 34.14 -24.97
CA GLY A 697 -23.60 33.85 -23.56
C GLY A 697 -24.60 32.86 -23.01
N LYS A 698 -25.51 32.36 -23.85
CA LYS A 698 -26.51 31.39 -23.40
C LYS A 698 -25.92 30.00 -23.23
N LEU A 699 -24.82 29.69 -23.90
CA LEU A 699 -24.19 28.39 -23.87
C LEU A 699 -22.69 28.57 -23.64
N TYR A 700 -22.11 27.68 -22.84
CA TYR A 700 -20.67 27.66 -22.61
C TYR A 700 -20.11 26.39 -23.24
N MET A 701 -19.02 26.52 -23.99
CA MET A 701 -18.50 25.41 -24.77
C MET A 701 -17.01 25.25 -24.52
N PHE A 702 -16.62 24.04 -24.14
CA PHE A 702 -15.22 23.67 -23.92
C PHE A 702 -14.88 22.48 -24.80
N GLN A 703 -13.70 22.51 -25.42
CA GLN A 703 -13.21 21.32 -26.10
C GLN A 703 -12.65 20.35 -25.08
N ILE A 704 -13.11 19.10 -25.13
CA ILE A 704 -12.57 18.04 -24.28
C ILE A 704 -11.25 17.60 -24.90
N TYR A 705 -10.14 17.91 -24.23
CA TYR A 705 -8.84 17.91 -24.88
C TYR A 705 -7.76 17.22 -24.03
N ASN A 706 -6.95 16.42 -24.71
CA ASN A 706 -5.60 16.08 -24.29
C ASN A 706 -4.72 16.15 -25.53
N LYS A 707 -3.43 15.87 -25.37
CA LYS A 707 -2.49 16.12 -26.46
C LYS A 707 -2.71 15.21 -27.67
N ASP A 708 -3.42 14.09 -27.51
CA ASP A 708 -3.69 13.23 -28.65
C ASP A 708 -4.68 13.84 -29.62
N PHE A 709 -5.48 14.81 -29.18
CA PHE A 709 -6.41 15.50 -30.07
C PHE A 709 -5.78 16.68 -30.79
N SER A 710 -4.49 16.94 -30.57
CA SER A 710 -3.81 18.04 -31.23
C SER A 710 -3.70 17.79 -32.73
N ASP A 711 -3.75 18.88 -33.50
CA ASP A 711 -3.53 18.76 -34.94
C ASP A 711 -2.15 18.21 -35.26
N LYS A 712 -1.16 18.56 -34.43
CA LYS A 712 0.20 18.10 -34.64
C LYS A 712 0.45 16.69 -34.10
N SER A 713 -0.50 16.11 -33.38
CA SER A 713 -0.28 14.81 -32.78
C SER A 713 -0.27 13.70 -33.84
N HIS A 714 0.56 12.70 -33.60
CA HIS A 714 0.79 11.59 -34.52
C HIS A 714 1.34 10.43 -33.72
N GLY A 715 1.05 9.23 -34.16
CA GLY A 715 1.50 8.07 -33.42
C GLY A 715 0.51 7.67 -32.33
N THR A 716 0.95 6.73 -31.50
CA THR A 716 0.03 6.00 -30.64
C THR A 716 -0.59 6.92 -29.58
N PRO A 717 -1.91 6.87 -29.41
CA PRO A 717 -2.57 7.74 -28.41
C PRO A 717 -2.52 7.10 -27.02
N ASN A 718 -2.90 7.90 -26.04
CA ASN A 718 -3.07 7.39 -24.68
C ASN A 718 -4.18 6.33 -24.66
N LEU A 719 -4.02 5.35 -23.76
CA LEU A 719 -5.06 4.34 -23.60
C LEU A 719 -6.40 4.97 -23.28
N HIS A 720 -6.40 5.97 -22.40
CA HIS A 720 -7.64 6.62 -22.01
C HIS A 720 -8.25 7.41 -23.17
N THR A 721 -7.42 7.92 -24.08
CA THR A 721 -7.94 8.52 -25.30
C THR A 721 -8.75 7.50 -26.08
N MET A 722 -8.35 6.23 -26.04
CA MET A 722 -9.06 5.19 -26.77
C MET A 722 -10.37 4.84 -26.10
N TYR A 723 -10.35 4.60 -24.78
CA TYR A 723 -11.58 4.37 -24.03
C TYR A 723 -12.60 5.47 -24.29
N PHE A 724 -12.17 6.73 -24.25
CA PHE A 724 -13.08 7.83 -24.48
C PHE A 724 -13.71 7.78 -25.87
N LYS A 725 -12.88 7.66 -26.90
CA LYS A 725 -13.41 7.60 -28.26
C LYS A 725 -14.28 6.37 -28.46
N LEU A 726 -13.96 5.26 -27.80
CA LEU A 726 -14.75 4.05 -27.92
C LEU A 726 -16.13 4.17 -27.29
N LEU A 727 -16.31 5.09 -26.34
CA LEU A 727 -17.63 5.30 -25.75
C LEU A 727 -18.66 5.62 -26.81
N PHE A 728 -18.25 6.31 -27.87
CA PHE A 728 -19.15 6.74 -28.94
C PHE A 728 -18.91 5.98 -30.24
N ASP A 729 -18.17 4.88 -30.17
CA ASP A 729 -17.93 4.03 -31.33
C ASP A 729 -19.07 3.00 -31.40
N GLU A 730 -19.58 2.78 -32.62
CA GLU A 730 -20.68 1.84 -32.76
C GLU A 730 -20.22 0.40 -32.79
N ASN A 731 -18.91 0.14 -32.85
CA ASN A 731 -18.40 -1.20 -32.59
C ASN A 731 -18.38 -1.52 -31.11
N ASN A 732 -18.58 -0.52 -30.25
CA ASN A 732 -18.70 -0.71 -28.82
C ASN A 732 -20.17 -0.94 -28.47
N HIS A 733 -20.44 -1.99 -27.71
CA HIS A 733 -21.81 -2.46 -27.46
C HIS A 733 -22.02 -2.66 -25.96
N GLY A 734 -21.92 -1.57 -25.20
CA GLY A 734 -22.00 -1.67 -23.76
C GLY A 734 -20.75 -2.20 -23.08
N GLN A 735 -19.75 -2.63 -23.84
CA GLN A 735 -18.48 -3.03 -23.25
C GLN A 735 -17.93 -1.93 -22.34
N ILE A 736 -17.95 -0.69 -22.82
CA ILE A 736 -17.56 0.47 -22.03
C ILE A 736 -18.70 1.48 -22.08
N ARG A 737 -19.34 1.72 -20.95
CA ARG A 737 -20.43 2.67 -20.85
C ARG A 737 -19.95 4.02 -20.35
N LEU A 738 -20.51 5.09 -20.90
CA LEU A 738 -20.29 6.43 -20.37
C LEU A 738 -21.17 6.61 -19.14
N SER A 739 -20.54 6.83 -17.99
CA SER A 739 -21.26 6.96 -16.74
C SER A 739 -21.52 8.42 -16.40
N GLY A 740 -22.47 8.63 -15.49
CA GLY A 740 -22.75 9.95 -14.99
C GLY A 740 -21.79 10.36 -13.90
N GLY A 741 -22.17 11.41 -13.17
CA GLY A 741 -21.32 11.88 -12.09
C GLY A 741 -20.02 12.50 -12.53
N ALA A 742 -19.96 13.03 -13.75
CA ALA A 742 -18.77 13.74 -14.20
C ALA A 742 -18.65 15.07 -13.46
N GLU A 743 -17.41 15.47 -13.20
CA GLU A 743 -17.13 16.71 -12.49
C GLU A 743 -16.21 17.59 -13.32
N LEU A 744 -16.40 18.91 -13.18
CA LEU A 744 -15.60 19.90 -13.87
C LEU A 744 -14.92 20.77 -12.82
N PHE A 745 -13.63 21.01 -13.00
CA PHE A 745 -12.86 21.76 -12.01
C PHE A 745 -12.08 22.88 -12.70
N MET A 746 -11.71 23.87 -11.89
CA MET A 746 -10.78 24.92 -12.29
C MET A 746 -9.56 24.83 -11.40
N ARG A 747 -8.39 24.71 -12.01
CA ARG A 747 -7.11 24.68 -11.31
C ARG A 747 -6.37 25.97 -11.65
N ARG A 748 -6.37 26.92 -10.72
CA ARG A 748 -5.68 28.18 -10.94
C ARG A 748 -4.19 27.93 -11.17
N ALA A 749 -3.59 28.78 -12.01
CA ALA A 749 -2.16 28.65 -12.26
C ALA A 749 -1.38 28.78 -10.97
N SER A 750 -0.28 28.06 -10.88
CA SER A 750 0.60 28.11 -9.72
C SER A 750 2.01 28.55 -10.08
N LEU A 751 2.27 28.90 -11.35
CA LEU A 751 3.56 29.40 -11.78
C LEU A 751 3.32 30.61 -12.68
N LYS A 752 4.24 31.57 -12.59
CA LYS A 752 4.19 32.75 -13.45
C LYS A 752 5.03 32.51 -14.70
N LYS A 753 4.48 32.91 -15.85
CA LYS A 753 5.11 32.62 -17.13
C LYS A 753 6.54 33.17 -17.18
N GLU A 754 6.76 34.34 -16.56
CA GLU A 754 8.10 34.92 -16.53
C GLU A 754 9.08 34.03 -15.78
N GLU A 755 8.62 33.34 -14.74
CA GLU A 755 9.49 32.49 -13.91
C GLU A 755 9.57 31.06 -14.41
N LEU A 756 9.17 30.81 -15.65
CA LEU A 756 9.29 29.47 -16.24
C LEU A 756 10.63 29.33 -16.93
N VAL A 757 11.25 28.15 -16.78
CA VAL A 757 12.47 27.86 -17.51
C VAL A 757 12.16 27.76 -18.99
N VAL A 758 12.86 28.55 -19.79
CA VAL A 758 12.63 28.60 -21.24
C VAL A 758 13.85 28.04 -21.94
N HIS A 759 13.62 27.28 -23.01
CA HIS A 759 14.67 26.96 -23.97
C HIS A 759 14.40 27.75 -25.24
N PRO A 760 15.07 28.88 -25.44
CA PRO A 760 14.66 29.80 -26.50
C PRO A 760 14.76 29.16 -27.87
N ALA A 761 13.85 29.56 -28.76
CA ALA A 761 13.78 29.00 -30.09
C ALA A 761 15.08 29.22 -30.85
N ASN A 762 15.35 28.32 -31.80
CA ASN A 762 16.47 28.44 -32.72
C ASN A 762 17.81 28.33 -32.02
N SER A 763 17.81 28.05 -30.72
CA SER A 763 19.02 27.70 -30.01
C SER A 763 18.96 26.22 -29.66
N PRO A 764 20.02 25.46 -29.89
CA PRO A 764 19.93 24.00 -29.78
C PRO A 764 19.90 23.54 -28.33
N ILE A 765 19.06 22.53 -28.07
CA ILE A 765 18.85 21.99 -26.72
C ILE A 765 19.59 20.66 -26.63
N ALA A 766 20.29 20.45 -25.52
CA ALA A 766 21.08 19.23 -25.33
C ALA A 766 20.17 18.09 -24.87
N ASN A 767 20.22 16.98 -25.61
CA ASN A 767 19.41 15.81 -25.27
C ASN A 767 20.04 15.05 -24.10
N LYS A 768 19.18 14.50 -23.25
CA LYS A 768 19.61 13.94 -21.97
C LYS A 768 19.97 12.46 -22.05
N ASN A 769 19.46 11.74 -23.04
CA ASN A 769 19.65 10.29 -23.10
C ASN A 769 21.00 9.96 -23.70
N PRO A 770 21.86 9.19 -23.02
CA PRO A 770 23.15 8.83 -23.62
C PRO A 770 23.00 7.95 -24.84
N ASP A 771 22.03 7.04 -24.84
CA ASP A 771 21.89 6.06 -25.92
C ASP A 771 21.27 6.65 -27.18
N ASN A 772 20.54 7.75 -27.06
CA ASN A 772 20.01 8.43 -28.23
C ASN A 772 21.18 8.89 -29.11
N PRO A 773 21.19 8.54 -30.40
CA PRO A 773 22.28 9.03 -31.26
C PRO A 773 22.27 10.54 -31.42
N LYS A 774 21.08 11.14 -31.51
CA LYS A 774 20.95 12.57 -31.69
C LYS A 774 21.21 13.27 -30.36
N LYS A 775 22.28 14.06 -30.30
CA LYS A 775 22.71 14.66 -29.06
C LYS A 775 22.10 16.03 -28.80
N THR A 776 21.35 16.57 -29.76
CA THR A 776 20.93 17.96 -29.68
C THR A 776 19.72 18.17 -30.59
N THR A 777 18.82 19.07 -30.17
CA THR A 777 17.61 19.38 -30.92
C THR A 777 17.42 20.89 -30.97
N THR A 778 16.99 21.38 -32.14
CA THR A 778 16.72 22.80 -32.33
C THR A 778 15.31 22.96 -32.90
N LEU A 779 14.51 23.79 -32.24
CA LEU A 779 13.12 24.02 -32.63
C LEU A 779 12.94 25.46 -33.10
N SER A 780 11.91 25.68 -33.90
CA SER A 780 11.55 27.02 -34.35
C SER A 780 10.64 27.75 -33.38
N TYR A 781 10.40 27.19 -32.20
CA TYR A 781 9.53 27.80 -31.21
C TYR A 781 10.12 27.61 -29.82
N ASP A 782 9.70 28.47 -28.91
CA ASP A 782 10.11 28.32 -27.52
C ASP A 782 9.39 27.14 -26.86
N VAL A 783 10.03 26.57 -25.85
CA VAL A 783 9.44 25.53 -25.02
C VAL A 783 9.69 25.88 -23.55
N TYR A 784 8.68 25.67 -22.71
CA TYR A 784 8.69 26.14 -21.33
C TYR A 784 8.43 24.98 -20.39
N LYS A 785 9.30 24.82 -19.38
CA LYS A 785 9.08 23.80 -18.36
C LYS A 785 7.76 24.03 -17.65
N ASP A 786 6.98 22.95 -17.50
CA ASP A 786 5.74 22.98 -16.73
C ASP A 786 4.79 24.05 -17.22
N LYS A 787 4.70 24.21 -18.55
CA LYS A 787 3.89 25.28 -19.12
C LYS A 787 2.43 25.18 -18.71
N ARG A 788 1.93 23.95 -18.47
CA ARG A 788 0.51 23.75 -18.18
C ARG A 788 0.09 24.37 -16.85
N PHE A 789 1.04 24.67 -15.97
CA PHE A 789 0.71 25.25 -14.68
C PHE A 789 0.92 26.76 -14.64
N SER A 790 1.32 27.37 -15.75
CA SER A 790 1.42 28.82 -15.86
C SER A 790 0.13 29.46 -16.32
N GLU A 791 -0.94 28.69 -16.46
CA GLU A 791 -2.23 29.20 -16.88
C GLU A 791 -3.33 28.48 -16.11
N ASP A 792 -4.44 29.19 -15.90
CA ASP A 792 -5.62 28.54 -15.35
C ASP A 792 -6.10 27.45 -16.30
N GLN A 793 -6.45 26.29 -15.74
CA GLN A 793 -6.81 25.13 -16.55
C GLN A 793 -8.06 24.48 -16.00
N TYR A 794 -9.11 24.45 -16.81
CA TYR A 794 -10.24 23.57 -16.55
C TYR A 794 -9.81 22.13 -16.76
N GLU A 795 -10.29 21.23 -15.89
CA GLU A 795 -10.13 19.81 -16.11
C GLU A 795 -11.46 19.10 -15.92
N LEU A 796 -11.79 18.19 -16.84
CA LEU A 796 -13.05 17.47 -16.85
C LEU A 796 -12.79 16.01 -16.53
N HIS A 797 -13.40 15.52 -15.47
CA HIS A 797 -13.28 14.14 -15.05
C HIS A 797 -14.53 13.38 -15.47
N ILE A 798 -14.34 12.27 -16.19
CA ILE A 798 -15.44 11.52 -16.77
C ILE A 798 -15.40 10.07 -16.30
N PRO A 799 -16.42 9.59 -15.59
CA PRO A 799 -16.43 8.18 -15.17
C PRO A 799 -17.01 7.29 -16.26
N ILE A 800 -16.46 6.08 -16.36
CA ILE A 800 -16.94 5.08 -17.31
C ILE A 800 -17.15 3.77 -16.56
N ALA A 801 -17.88 2.86 -17.20
CA ALA A 801 -18.22 1.56 -16.62
C ALA A 801 -17.87 0.46 -17.63
N ILE A 802 -16.86 -0.33 -17.30
CA ILE A 802 -16.38 -1.41 -18.15
C ILE A 802 -17.08 -2.71 -17.76
N ASN A 803 -17.54 -3.46 -18.77
CA ASN A 803 -18.17 -4.76 -18.57
C ASN A 803 -19.33 -4.66 -17.57
N LYS A 804 -20.18 -3.66 -17.79
CA LYS A 804 -21.27 -3.38 -16.85
C LYS A 804 -22.17 -4.59 -16.63
N CYS A 805 -22.32 -5.43 -17.66
CA CYS A 805 -23.15 -6.63 -17.59
C CYS A 805 -22.27 -7.82 -17.94
N PRO A 806 -21.55 -8.38 -16.96
CA PRO A 806 -20.61 -9.46 -17.25
C PRO A 806 -21.33 -10.78 -17.51
N LYS A 807 -20.89 -11.48 -18.56
CA LYS A 807 -21.45 -12.77 -18.94
C LYS A 807 -20.61 -13.95 -18.47
N ASN A 808 -19.29 -13.79 -18.41
CA ASN A 808 -18.38 -14.90 -18.09
C ASN A 808 -18.17 -14.95 -16.58
N ILE A 809 -19.17 -15.47 -15.89
CA ILE A 809 -19.17 -15.49 -14.42
C ILE A 809 -18.54 -16.79 -13.95
N PHE A 810 -17.40 -16.67 -13.28
CA PHE A 810 -16.76 -17.77 -12.58
C PHE A 810 -15.75 -17.16 -11.61
N LYS A 811 -15.43 -17.92 -10.56
CA LYS A 811 -14.32 -17.49 -9.71
C LYS A 811 -13.02 -17.58 -10.50
N ILE A 812 -12.29 -16.47 -10.56
CA ILE A 812 -11.14 -16.39 -11.43
C ILE A 812 -10.08 -17.43 -11.03
N ASN A 813 -9.74 -17.47 -9.74
CA ASN A 813 -8.68 -18.37 -9.28
C ASN A 813 -9.01 -19.82 -9.57
N THR A 814 -10.25 -20.24 -9.29
CA THR A 814 -10.65 -21.61 -9.60
C THR A 814 -10.51 -21.90 -11.09
N GLU A 815 -10.87 -20.94 -11.94
CA GLU A 815 -10.72 -21.12 -13.38
C GLU A 815 -9.25 -21.15 -13.79
N VAL A 816 -8.44 -20.26 -13.23
CA VAL A 816 -7.00 -20.30 -13.51
C VAL A 816 -6.40 -21.62 -13.07
N ARG A 817 -6.94 -22.21 -12.00
CA ARG A 817 -6.41 -23.50 -11.55
C ARG A 817 -6.83 -24.63 -12.47
N VAL A 818 -8.08 -24.62 -12.94
CA VAL A 818 -8.55 -25.68 -13.83
C VAL A 818 -7.77 -25.66 -15.15
N LEU A 819 -7.62 -24.48 -15.74
CA LEU A 819 -6.85 -24.38 -16.98
C LEU A 819 -5.39 -24.78 -16.76
N LEU A 820 -4.78 -24.30 -15.68
CA LEU A 820 -3.39 -24.64 -15.41
C LEU A 820 -3.19 -26.14 -15.28
N LYS A 821 -4.09 -26.82 -14.57
CA LYS A 821 -4.04 -28.28 -14.46
C LYS A 821 -4.06 -28.93 -15.84
N HIS A 822 -5.12 -28.69 -16.60
CA HIS A 822 -5.30 -29.37 -17.87
C HIS A 822 -4.43 -28.80 -18.99
N ASP A 823 -3.87 -27.61 -18.81
CA ASP A 823 -2.96 -27.08 -19.82
C ASP A 823 -1.70 -27.94 -19.83
N ASP A 824 -1.29 -28.36 -21.03
CA ASP A 824 -0.23 -29.35 -21.16
C ASP A 824 1.14 -28.74 -20.91
N ASN A 825 1.41 -27.57 -21.49
CA ASN A 825 2.71 -26.91 -21.41
C ASN A 825 2.52 -25.52 -20.79
N PRO A 826 2.34 -25.43 -19.48
CA PRO A 826 2.11 -24.12 -18.86
C PRO A 826 3.38 -23.27 -18.87
N TYR A 827 3.24 -22.02 -19.29
CA TYR A 827 4.35 -21.08 -19.29
C TYR A 827 4.27 -20.19 -18.05
N VAL A 828 5.43 -19.94 -17.45
CA VAL A 828 5.51 -19.18 -16.20
C VAL A 828 6.51 -18.04 -16.39
N ILE A 829 6.12 -16.84 -15.98
CA ILE A 829 6.97 -15.66 -16.07
C ILE A 829 7.45 -15.35 -14.65
N GLY A 830 8.74 -15.59 -14.40
CA GLY A 830 9.33 -15.33 -13.10
C GLY A 830 10.01 -13.97 -13.06
N ILE A 831 9.63 -13.17 -12.06
CA ILE A 831 10.15 -11.82 -11.89
C ILE A 831 10.88 -11.76 -10.56
N ASP A 832 12.10 -11.23 -10.57
CA ASP A 832 12.89 -11.08 -9.36
C ASP A 832 13.58 -9.73 -9.35
N ARG A 833 13.88 -9.26 -8.14
CA ARG A 833 14.64 -8.03 -7.92
C ARG A 833 16.09 -8.38 -7.69
N GLY A 834 16.99 -7.73 -8.43
CA GLY A 834 18.39 -8.06 -8.33
C GLY A 834 19.25 -6.94 -7.80
N GLU A 835 20.44 -7.29 -7.32
CA GLU A 835 21.39 -6.28 -6.89
C GLU A 835 21.97 -5.54 -8.08
N ARG A 836 22.26 -6.26 -9.15
CA ARG A 836 22.81 -5.70 -10.38
C ARG A 836 21.73 -5.34 -11.38
N ASN A 837 20.50 -5.77 -11.15
CA ASN A 837 19.43 -5.58 -12.12
C ASN A 837 18.20 -5.12 -11.37
N LEU A 838 17.65 -3.97 -11.76
CA LEU A 838 16.40 -3.48 -11.19
C LEU A 838 15.38 -4.61 -11.12
N LEU A 839 15.07 -5.20 -12.27
CA LEU A 839 14.20 -6.37 -12.39
C LEU A 839 14.83 -7.32 -13.41
N TYR A 840 14.61 -8.62 -13.21
CA TYR A 840 15.13 -9.63 -14.12
C TYR A 840 14.03 -10.66 -14.40
N ILE A 841 13.91 -11.05 -15.66
CA ILE A 841 12.79 -11.85 -16.15
C ILE A 841 13.31 -13.22 -16.59
N VAL A 842 12.59 -14.27 -16.20
CA VAL A 842 12.82 -15.62 -16.71
C VAL A 842 11.46 -16.20 -17.11
N VAL A 843 11.35 -16.60 -18.38
CA VAL A 843 10.18 -17.31 -18.88
C VAL A 843 10.52 -18.79 -18.93
N VAL A 844 9.58 -19.64 -18.53
CA VAL A 844 9.83 -21.05 -18.29
C VAL A 844 8.65 -21.86 -18.80
N ASP A 845 8.93 -22.98 -19.45
CA ASP A 845 7.88 -23.86 -19.94
C ASP A 845 7.40 -24.80 -18.83
N GLY A 846 6.44 -25.67 -19.15
CA GLY A 846 5.86 -26.55 -18.17
C GLY A 846 6.81 -27.56 -17.55
N LYS A 847 8.06 -27.58 -18.02
CA LYS A 847 9.03 -28.55 -17.53
C LYS A 847 10.31 -27.89 -17.01
N GLY A 848 10.32 -26.57 -16.83
CA GLY A 848 11.45 -25.90 -16.24
C GLY A 848 12.52 -25.44 -17.21
N ASN A 849 12.35 -25.70 -18.51
CA ASN A 849 13.31 -25.22 -19.49
C ASN A 849 13.18 -23.70 -19.65
N ILE A 850 14.30 -23.00 -19.63
CA ILE A 850 14.27 -21.55 -19.82
C ILE A 850 13.97 -21.23 -21.27
N VAL A 851 12.93 -20.42 -21.49
CA VAL A 851 12.56 -19.97 -22.82
C VAL A 851 13.10 -18.58 -23.10
N GLU A 852 12.99 -17.67 -22.14
CA GLU A 852 13.62 -16.36 -22.22
C GLU A 852 14.21 -16.02 -20.86
N GLN A 853 15.33 -15.29 -20.87
CA GLN A 853 15.93 -14.76 -19.66
C GLN A 853 16.71 -13.51 -20.04
N TYR A 854 16.39 -12.40 -19.38
CA TYR A 854 17.07 -11.14 -19.66
C TYR A 854 16.75 -10.17 -18.54
N SER A 855 17.57 -9.14 -18.45
CA SER A 855 17.37 -8.07 -17.49
C SER A 855 16.36 -7.06 -18.01
N LEU A 856 15.74 -6.34 -17.09
CA LEU A 856 14.88 -5.22 -17.43
C LEU A 856 15.53 -3.89 -17.08
N ASN A 857 16.87 -3.85 -17.03
CA ASN A 857 17.57 -2.61 -16.75
C ASN A 857 17.28 -1.56 -17.81
N GLU A 858 17.15 -1.98 -19.07
CA GLU A 858 16.81 -1.07 -20.15
C GLU A 858 15.40 -1.33 -20.64
N ILE A 859 14.60 -0.28 -20.67
CA ILE A 859 13.29 -0.27 -21.33
C ILE A 859 13.50 0.12 -22.78
N ILE A 860 12.96 -0.67 -23.71
CA ILE A 860 13.08 -0.40 -25.14
C ILE A 860 11.73 0.11 -25.64
N ASN A 861 11.71 1.36 -26.10
CA ASN A 861 10.49 2.01 -26.54
C ASN A 861 10.40 1.94 -28.06
N ASN A 862 9.22 1.60 -28.58
CA ASN A 862 9.02 1.36 -30.00
C ASN A 862 8.08 2.42 -30.56
N PHE A 863 8.56 3.18 -31.54
CA PHE A 863 7.72 4.07 -32.33
C PHE A 863 8.07 3.84 -33.79
N ASN A 864 7.05 3.53 -34.60
CA ASN A 864 7.23 3.11 -35.99
C ASN A 864 8.13 1.86 -35.97
N GLY A 865 9.07 1.73 -36.91
CA GLY A 865 10.04 0.66 -36.80
C GLY A 865 11.23 0.97 -35.94
N ILE A 866 11.34 2.21 -35.45
CA ILE A 866 12.52 2.66 -34.71
C ILE A 866 12.45 2.16 -33.28
N ARG A 867 13.61 1.77 -32.74
CA ARG A 867 13.74 1.36 -31.35
C ARG A 867 14.81 2.19 -30.68
N ILE A 868 14.46 2.81 -29.56
CA ILE A 868 15.42 3.51 -28.70
C ILE A 868 15.23 3.00 -27.28
N LYS A 869 16.33 2.63 -26.63
CA LYS A 869 16.29 2.06 -25.29
C LYS A 869 16.68 3.11 -24.26
N THR A 870 16.18 2.92 -23.03
CA THR A 870 16.52 3.76 -21.90
C THR A 870 17.02 2.85 -20.78
N ASP A 871 18.28 3.02 -20.40
CA ASP A 871 18.87 2.21 -19.34
C ASP A 871 18.50 2.85 -18.01
N TYR A 872 17.40 2.39 -17.43
CA TYR A 872 16.94 2.92 -16.15
C TYR A 872 17.91 2.61 -15.02
N HIS A 873 18.77 1.61 -15.18
CA HIS A 873 19.79 1.33 -14.17
C HIS A 873 20.89 2.38 -14.19
N SER A 874 21.26 2.85 -15.39
CA SER A 874 22.21 3.96 -15.48
C SER A 874 21.58 5.25 -14.98
N LEU A 875 20.28 5.43 -15.22
CA LEU A 875 19.58 6.59 -14.69
C LEU A 875 19.63 6.61 -13.17
N LEU A 876 19.33 5.48 -12.54
CA LEU A 876 19.38 5.40 -11.09
C LEU A 876 20.79 5.63 -10.57
N ASP A 877 21.79 5.10 -11.29
CA ASP A 877 23.17 5.28 -10.86
C ASP A 877 23.57 6.75 -10.89
N LYS A 878 23.19 7.47 -11.95
CA LYS A 878 23.52 8.88 -12.02
C LYS A 878 22.79 9.69 -10.94
N LYS A 879 21.57 9.26 -10.57
CA LYS A 879 20.85 9.95 -9.51
C LYS A 879 21.35 9.56 -8.12
N GLU A 880 21.91 8.36 -7.96
CA GLU A 880 22.53 8.03 -6.68
C GLU A 880 23.83 8.81 -6.49
N LYS A 881 24.61 8.97 -7.57
CA LYS A 881 25.80 9.80 -7.49
C LYS A 881 25.44 11.25 -7.19
N GLU A 882 24.38 11.77 -7.84
CA GLU A 882 23.89 13.09 -7.51
C GLU A 882 23.43 13.18 -6.06
N ARG A 883 22.94 12.07 -5.50
CA ARG A 883 22.58 12.09 -4.08
C ARG A 883 23.83 12.28 -3.23
N PHE A 884 24.91 11.56 -3.55
CA PHE A 884 26.14 11.65 -2.78
C PHE A 884 26.67 13.09 -2.75
N GLU A 885 27.00 13.64 -3.92
CA GLU A 885 27.26 15.07 -4.00
C GLU A 885 26.04 15.82 -3.46
N ALA A 886 26.29 16.93 -2.77
CA ALA A 886 25.25 17.60 -2.00
C ALA A 886 24.65 16.65 -0.97
N ARG A 887 25.53 16.10 -0.12
CA ARG A 887 25.24 15.25 1.04
C ARG A 887 24.29 14.08 0.74
N GLN A 888 23.04 14.11 1.22
CA GLN A 888 22.01 13.17 0.80
C GLN A 888 20.73 14.01 0.75
N ASN A 889 20.68 14.91 -0.22
CA ASN A 889 19.72 16.00 -0.17
C ASN A 889 18.29 15.48 -0.24
N TRP A 890 17.40 16.26 0.37
CA TRP A 890 16.01 15.84 0.54
C TRP A 890 15.36 15.57 -0.79
N THR A 891 15.71 16.36 -1.81
CA THR A 891 15.07 16.23 -3.12
C THR A 891 15.59 15.00 -3.85
N SER A 892 16.91 14.79 -3.86
CA SER A 892 17.53 13.66 -4.55
C SER A 892 16.85 12.36 -4.17
N ILE A 893 16.42 12.25 -2.91
CA ILE A 893 15.67 11.07 -2.48
C ILE A 893 14.32 11.02 -3.17
N GLU A 894 13.63 12.16 -3.27
CA GLU A 894 12.36 12.22 -3.98
C GLU A 894 12.54 11.90 -5.47
N ASN A 895 13.50 12.58 -6.11
CA ASN A 895 13.77 12.31 -7.53
C ASN A 895 14.05 10.84 -7.78
N ILE A 896 14.74 10.18 -6.85
CA ILE A 896 14.96 8.75 -6.97
C ILE A 896 13.65 7.99 -6.77
N LYS A 897 12.82 8.44 -5.82
CA LYS A 897 11.55 7.76 -5.56
C LYS A 897 10.63 7.83 -6.77
N GLU A 898 10.46 9.02 -7.37
CA GLU A 898 9.55 9.15 -8.50
C GLU A 898 10.09 8.47 -9.75
N LEU A 899 11.42 8.46 -9.93
CA LEU A 899 11.97 7.78 -11.10
C LEU A 899 11.70 6.28 -11.03
N LYS A 900 11.82 5.69 -9.84
CA LYS A 900 11.47 4.29 -9.68
C LYS A 900 9.98 4.06 -9.92
N ALA A 901 9.14 5.00 -9.46
CA ALA A 901 7.70 4.87 -9.65
C ALA A 901 7.33 4.96 -11.13
N GLY A 902 8.06 5.79 -11.89
CA GLY A 902 7.82 5.84 -13.32
C GLY A 902 8.45 4.70 -14.08
N TYR A 903 9.51 4.12 -13.53
CA TYR A 903 10.12 2.93 -14.12
C TYR A 903 9.14 1.76 -14.15
N ILE A 904 8.48 1.49 -13.02
CA ILE A 904 7.60 0.32 -12.95
C ILE A 904 6.38 0.48 -13.84
N SER A 905 5.97 1.72 -14.16
CA SER A 905 4.91 1.90 -15.14
C SER A 905 5.37 1.48 -16.54
N GLN A 906 6.67 1.50 -16.80
CA GLN A 906 7.19 0.91 -18.03
C GLN A 906 7.21 -0.61 -17.96
N VAL A 907 7.58 -1.15 -16.79
CA VAL A 907 7.73 -2.60 -16.64
C VAL A 907 6.39 -3.29 -16.77
N VAL A 908 5.32 -2.64 -16.31
CA VAL A 908 3.98 -3.24 -16.40
C VAL A 908 3.67 -3.64 -17.84
N HIS A 909 3.98 -2.76 -18.78
CA HIS A 909 3.70 -3.06 -20.19
C HIS A 909 4.53 -4.24 -20.68
N LYS A 910 5.80 -4.32 -20.27
CA LYS A 910 6.64 -5.44 -20.70
C LYS A 910 6.08 -6.76 -20.17
N ILE A 911 5.60 -6.77 -18.93
CA ILE A 911 4.97 -7.98 -18.39
C ILE A 911 3.70 -8.30 -19.17
N CYS A 912 2.92 -7.27 -19.53
CA CYS A 912 1.69 -7.49 -20.26
C CYS A 912 1.95 -8.18 -21.59
N GLU A 913 3.02 -7.78 -22.29
CA GLU A 913 3.35 -8.42 -23.56
C GLU A 913 3.71 -9.89 -23.35
N LEU A 914 4.59 -10.16 -22.38
CA LEU A 914 5.01 -11.53 -22.14
C LEU A 914 3.83 -12.42 -21.77
N VAL A 915 2.92 -11.91 -20.93
CA VAL A 915 1.72 -12.66 -20.57
C VAL A 915 0.90 -12.99 -21.82
N GLU A 916 0.70 -11.99 -22.69
CA GLU A 916 -0.03 -12.24 -23.92
C GLU A 916 0.76 -13.14 -24.86
N LYS A 917 2.09 -12.98 -24.89
CA LYS A 917 2.90 -13.72 -25.84
C LYS A 917 2.90 -15.21 -25.51
N TYR A 918 3.12 -15.56 -24.25
CA TYR A 918 3.28 -16.94 -23.84
C TYR A 918 2.06 -17.52 -23.16
N ASP A 919 0.93 -16.81 -23.17
CA ASP A 919 -0.27 -17.28 -22.50
C ASP A 919 0.05 -17.66 -21.06
N ALA A 920 0.87 -16.83 -20.42
CA ALA A 920 1.71 -17.28 -19.31
C ALA A 920 1.22 -16.75 -17.97
N VAL A 921 1.38 -17.60 -16.96
CA VAL A 921 1.11 -17.26 -15.57
C VAL A 921 2.31 -16.53 -14.98
N ILE A 922 2.06 -15.55 -14.12
CA ILE A 922 3.10 -14.72 -13.53
C ILE A 922 3.48 -15.27 -12.17
N ALA A 923 4.78 -15.28 -11.88
CA ALA A 923 5.31 -15.68 -10.57
C ALA A 923 6.00 -14.48 -9.92
N LEU A 924 5.58 -14.16 -8.70
CA LEU A 924 6.06 -12.98 -8.01
C LEU A 924 6.46 -13.33 -6.58
N GLU A 925 7.28 -12.49 -5.98
CA GLU A 925 7.65 -12.66 -4.58
C GLU A 925 6.49 -12.30 -3.66
N ASP A 926 6.28 -13.12 -2.64
CA ASP A 926 5.41 -12.76 -1.53
C ASP A 926 6.19 -11.85 -0.60
N LEU A 927 5.74 -10.59 -0.48
CA LEU A 927 6.45 -9.59 0.29
C LEU A 927 6.04 -9.55 1.75
N ASN A 928 5.03 -10.34 2.14
CA ASN A 928 4.62 -10.41 3.54
C ASN A 928 5.39 -11.45 4.33
N SER A 929 6.07 -12.37 3.65
CA SER A 929 6.87 -13.40 4.31
C SER A 929 8.37 -13.18 4.14
N GLY A 930 8.81 -12.94 2.91
CA GLY A 930 10.23 -12.83 2.63
C GLY A 930 10.88 -11.65 3.33
N PHE A 931 12.21 -11.68 3.33
CA PHE A 931 13.04 -10.64 3.94
C PHE A 931 13.94 -10.04 2.87
N LYS A 932 13.93 -8.72 2.78
CA LYS A 932 14.63 -8.00 1.72
C LYS A 932 16.07 -7.75 2.14
N ASN A 933 17.00 -8.24 1.33
CA ASN A 933 18.43 -8.06 1.55
C ASN A 933 18.91 -6.61 1.54
N SER A 934 18.20 -5.68 0.90
CA SER A 934 18.60 -4.29 0.71
C SER A 934 19.82 -4.11 -0.18
N ARG A 935 20.42 -5.19 -0.66
CA ARG A 935 21.34 -5.05 -1.79
C ARG A 935 20.55 -4.81 -3.07
N VAL A 936 19.28 -5.23 -3.10
CA VAL A 936 18.42 -4.96 -4.24
C VAL A 936 18.22 -3.46 -4.37
N LYS A 937 18.13 -2.99 -5.61
CA LYS A 937 17.90 -1.57 -5.83
C LYS A 937 16.45 -1.19 -5.54
N VAL A 938 15.50 -2.02 -5.95
CA VAL A 938 14.08 -1.73 -5.79
C VAL A 938 13.67 -2.18 -4.39
N GLU A 939 13.46 -1.21 -3.50
CA GLU A 939 13.12 -1.55 -2.12
C GLU A 939 11.69 -2.07 -2.04
N LYS A 940 11.34 -2.62 -0.87
CA LYS A 940 10.05 -3.27 -0.70
C LYS A 940 8.89 -2.32 -0.94
N GLN A 941 9.07 -1.05 -0.54
CA GLN A 941 7.98 -0.09 -0.70
C GLN A 941 7.66 0.20 -2.15
N VAL A 942 8.68 0.17 -3.03
CA VAL A 942 8.44 0.38 -4.45
C VAL A 942 7.87 -0.87 -5.09
N TYR A 943 8.29 -2.05 -4.62
CA TYR A 943 7.80 -3.29 -5.22
C TYR A 943 6.34 -3.53 -4.87
N GLN A 944 5.93 -3.16 -3.65
CA GLN A 944 4.51 -3.23 -3.29
C GLN A 944 3.68 -2.38 -4.24
N LYS A 945 4.14 -1.16 -4.52
CA LYS A 945 3.50 -0.32 -5.52
C LYS A 945 3.38 -1.05 -6.85
N PHE A 946 4.48 -1.66 -7.30
CA PHE A 946 4.50 -2.36 -8.59
C PHE A 946 3.47 -3.49 -8.61
N GLU A 947 3.54 -4.40 -7.64
CA GLU A 947 2.60 -5.52 -7.61
C GLU A 947 1.15 -5.04 -7.55
N LYS A 948 0.90 -3.85 -6.99
CA LYS A 948 -0.44 -3.29 -7.04
C LYS A 948 -0.81 -2.86 -8.45
N MET A 949 0.04 -2.03 -9.07
CA MET A 949 -0.21 -1.62 -10.46
C MET A 949 -0.42 -2.82 -11.36
N LEU A 950 0.35 -3.89 -11.14
CA LEU A 950 0.18 -5.11 -11.92
C LEU A 950 -1.24 -5.63 -11.83
N ILE A 951 -1.68 -5.97 -10.62
CA ILE A 951 -3.07 -6.31 -10.31
C ILE A 951 -4.04 -5.35 -10.99
N ASP A 952 -3.80 -4.04 -10.85
CA ASP A 952 -4.74 -3.05 -11.35
C ASP A 952 -4.86 -3.10 -12.87
N LYS A 953 -3.73 -3.25 -13.57
CA LYS A 953 -3.77 -3.37 -15.03
C LYS A 953 -4.45 -4.68 -15.46
N LEU A 954 -4.24 -5.76 -14.72
CA LEU A 954 -4.74 -7.06 -15.14
C LEU A 954 -6.22 -7.25 -14.85
N ASN A 955 -6.88 -6.29 -14.20
CA ASN A 955 -8.35 -6.32 -14.15
C ASN A 955 -8.93 -6.13 -15.54
N TYR A 956 -8.27 -5.34 -16.39
CA TYR A 956 -8.70 -5.10 -17.75
C TYR A 956 -7.44 -4.90 -18.59
N MET A 957 -6.73 -6.00 -18.83
CA MET A 957 -5.50 -5.94 -19.60
C MET A 957 -5.81 -5.73 -21.07
N VAL A 958 -5.16 -4.72 -21.67
CA VAL A 958 -5.41 -4.31 -23.05
C VAL A 958 -4.10 -3.98 -23.72
N ASP A 959 -3.98 -4.35 -25.00
CA ASP A 959 -2.92 -3.90 -25.87
C ASP A 959 -3.45 -2.77 -26.73
N LYS A 960 -2.88 -1.58 -26.59
CA LYS A 960 -3.37 -0.42 -27.34
C LYS A 960 -3.32 -0.67 -28.84
N LYS A 961 -2.21 -1.25 -29.32
CA LYS A 961 -2.00 -1.42 -30.76
C LYS A 961 -2.87 -2.52 -31.36
N SER A 962 -3.51 -3.34 -30.54
CA SER A 962 -4.46 -4.32 -31.08
C SER A 962 -5.74 -3.62 -31.51
N ASN A 963 -6.43 -4.23 -32.46
CA ASN A 963 -7.68 -3.67 -32.96
C ASN A 963 -8.74 -3.80 -31.86
N PRO A 964 -9.46 -2.71 -31.54
CA PRO A 964 -10.30 -2.70 -30.33
C PRO A 964 -11.30 -3.85 -30.21
N CYS A 965 -11.81 -4.38 -31.31
CA CYS A 965 -12.83 -5.43 -31.22
C CYS A 965 -12.26 -6.81 -30.95
N ALA A 966 -10.96 -7.02 -31.13
CA ALA A 966 -10.37 -8.33 -30.87
C ALA A 966 -10.15 -8.53 -29.37
N THR A 967 -10.14 -9.79 -28.95
CA THR A 967 -9.85 -10.09 -27.56
C THR A 967 -8.39 -9.77 -27.26
N GLY A 968 -8.17 -9.03 -26.17
CA GLY A 968 -6.91 -8.35 -25.93
C GLY A 968 -6.95 -6.88 -26.28
N GLY A 969 -7.95 -6.47 -27.07
CA GLY A 969 -8.11 -5.08 -27.45
C GLY A 969 -8.91 -4.30 -26.42
N ALA A 970 -9.06 -3.01 -26.70
CA ALA A 970 -9.64 -2.10 -25.71
C ALA A 970 -11.12 -2.37 -25.43
N LEU A 971 -11.79 -3.14 -26.29
CA LEU A 971 -13.17 -3.52 -26.04
C LEU A 971 -13.32 -4.94 -25.51
N LYS A 972 -12.27 -5.75 -25.59
CA LYS A 972 -12.27 -7.12 -25.09
C LYS A 972 -11.02 -7.33 -24.22
N GLY A 973 -10.88 -6.51 -23.19
CA GLY A 973 -9.72 -6.60 -22.34
C GLY A 973 -9.72 -7.86 -21.50
N TYR A 974 -8.52 -8.35 -21.21
CA TYR A 974 -8.37 -9.54 -20.37
C TYR A 974 -8.59 -9.19 -18.91
N GLN A 975 -9.33 -10.04 -18.22
CA GLN A 975 -9.60 -9.90 -16.79
C GLN A 975 -9.00 -11.13 -16.11
N ILE A 976 -7.69 -11.10 -15.89
CA ILE A 976 -6.97 -12.22 -15.33
C ILE A 976 -6.58 -11.97 -13.88
N THR A 977 -7.26 -11.05 -13.21
CA THR A 977 -6.85 -10.64 -11.88
C THR A 977 -8.04 -10.01 -11.17
N ASN A 978 -8.21 -10.35 -9.88
CA ASN A 978 -9.29 -9.80 -9.10
C ASN A 978 -8.92 -8.42 -8.56
N LYS A 979 -9.94 -7.62 -8.23
CA LYS A 979 -9.73 -6.25 -7.78
C LYS A 979 -8.82 -6.21 -6.57
N PHE A 980 -7.99 -5.16 -6.51
CA PHE A 980 -7.03 -5.02 -5.42
C PHE A 980 -7.74 -4.76 -4.09
N GLU A 981 -7.25 -5.40 -3.03
CA GLU A 981 -7.78 -5.21 -1.69
C GLU A 981 -6.76 -4.55 -0.76
N SER A 982 -5.62 -5.21 -0.52
CA SER A 982 -4.64 -4.71 0.44
C SER A 982 -3.29 -5.34 0.13
N PHE A 983 -2.24 -4.70 0.62
CA PHE A 983 -0.89 -5.26 0.47
C PHE A 983 -0.79 -6.62 1.16
N LYS A 984 -1.40 -6.75 2.33
CA LYS A 984 -1.40 -8.03 3.02
C LYS A 984 -2.14 -9.09 2.20
N SER A 985 -3.11 -8.68 1.39
CA SER A 985 -3.80 -9.61 0.52
C SER A 985 -2.94 -10.07 -0.64
N MET A 986 -1.86 -9.36 -0.95
CA MET A 986 -0.94 -9.82 -1.99
C MET A 986 -0.16 -11.04 -1.49
N SER A 987 -0.87 -12.14 -1.29
CA SER A 987 -0.31 -13.42 -0.90
C SER A 987 -1.10 -14.52 -1.59
N THR A 988 -0.56 -15.74 -1.52
CA THR A 988 -1.10 -16.89 -2.24
C THR A 988 -1.31 -16.57 -3.72
N GLN A 989 -2.55 -16.48 -4.19
CA GLN A 989 -2.80 -16.33 -5.62
C GLN A 989 -3.92 -15.34 -5.89
N ASN A 990 -3.70 -14.47 -6.88
CA ASN A 990 -4.72 -13.59 -7.46
C ASN A 990 -4.75 -13.85 -8.96
N GLY A 991 -5.59 -14.81 -9.38
CA GLY A 991 -5.76 -15.12 -10.78
C GLY A 991 -4.50 -15.62 -11.44
N PHE A 992 -3.97 -14.85 -12.39
CA PHE A 992 -2.76 -15.20 -13.12
C PHE A 992 -1.48 -14.88 -12.34
N ILE A 993 -1.60 -14.30 -11.16
CA ILE A 993 -0.45 -13.86 -10.37
C ILE A 993 -0.33 -14.77 -9.15
N PHE A 994 0.84 -15.36 -8.95
CA PHE A 994 1.13 -16.19 -7.79
C PHE A 994 2.24 -15.56 -6.98
N TYR A 995 2.05 -15.52 -5.66
CA TYR A 995 3.01 -14.91 -4.75
C TYR A 995 3.76 -16.00 -4.00
N ILE A 996 5.08 -15.85 -3.93
CA ILE A 996 5.97 -16.95 -3.56
C ILE A 996 7.04 -16.46 -2.58
N PRO A 997 7.38 -17.26 -1.56
CA PRO A 997 8.54 -16.92 -0.73
C PRO A 997 9.82 -16.95 -1.55
N ALA A 998 10.68 -15.97 -1.31
CA ALA A 998 11.95 -15.87 -2.02
C ALA A 998 13.03 -16.77 -1.43
N TRP A 999 12.69 -17.63 -0.48
CA TRP A 999 13.71 -18.39 0.25
C TRP A 999 14.34 -19.44 -0.65
N LEU A 1000 15.68 -19.50 -0.62
CA LEU A 1000 16.45 -20.48 -1.39
C LEU A 1000 16.10 -20.42 -2.88
N THR A 1001 16.10 -19.19 -3.42
CA THR A 1001 15.90 -18.99 -4.85
C THR A 1001 17.12 -18.44 -5.56
N SER A 1002 18.05 -17.81 -4.83
CA SER A 1002 19.27 -17.27 -5.40
C SER A 1002 20.49 -18.10 -5.07
N LYS A 1003 20.67 -18.47 -3.79
CA LYS A 1003 21.82 -19.27 -3.38
C LYS A 1003 21.47 -20.75 -3.45
N ILE A 1004 21.35 -21.22 -4.69
CA ILE A 1004 20.97 -22.60 -4.98
C ILE A 1004 21.52 -22.98 -6.35
N ASP A 1005 22.08 -24.19 -6.42
CA ASP A 1005 22.55 -24.74 -7.68
C ASP A 1005 21.34 -25.14 -8.52
N PRO A 1006 21.08 -24.46 -9.65
CA PRO A 1006 19.91 -24.81 -10.46
C PRO A 1006 20.01 -26.16 -11.14
N SER A 1007 21.22 -26.71 -11.30
CA SER A 1007 21.41 -27.97 -11.98
C SER A 1007 21.36 -29.18 -11.05
N THR A 1008 21.25 -28.97 -9.74
CA THR A 1008 21.17 -30.07 -8.79
C THR A 1008 20.20 -29.81 -7.64
N GLY A 1009 19.73 -28.59 -7.44
CA GLY A 1009 18.97 -28.26 -6.26
C GLY A 1009 19.77 -28.17 -4.98
N PHE A 1010 21.10 -28.25 -5.08
CA PHE A 1010 21.94 -28.20 -3.88
C PHE A 1010 21.87 -26.83 -3.23
N VAL A 1011 21.87 -26.82 -1.90
CA VAL A 1011 21.94 -25.60 -1.11
C VAL A 1011 22.92 -25.81 0.03
N ASN A 1012 23.50 -24.72 0.53
CA ASN A 1012 24.42 -24.77 1.66
C ASN A 1012 23.62 -24.62 2.94
N LEU A 1013 23.52 -25.70 3.71
CA LEU A 1013 22.83 -25.68 4.99
C LEU A 1013 23.80 -25.73 6.18
N LEU A 1014 25.10 -25.77 5.92
CA LEU A 1014 26.09 -25.84 6.98
C LEU A 1014 26.38 -24.46 7.57
N LYS A 1015 26.77 -24.45 8.84
CA LYS A 1015 27.22 -23.24 9.51
C LYS A 1015 28.73 -23.36 9.67
N THR A 1016 29.47 -22.64 8.82
CA THR A 1016 30.92 -22.69 8.80
C THR A 1016 31.56 -21.56 9.60
N LYS A 1017 30.78 -20.84 10.40
CA LYS A 1017 31.34 -19.83 11.28
C LYS A 1017 32.20 -20.51 12.34
N TYR A 1018 33.40 -19.98 12.56
CA TYR A 1018 34.30 -20.54 13.56
C TYR A 1018 33.94 -20.00 14.93
N THR A 1019 33.68 -20.92 15.86
CA THR A 1019 33.53 -20.59 17.27
C THR A 1019 34.69 -21.11 18.11
N SER A 1020 35.04 -22.39 17.97
CA SER A 1020 36.02 -23.00 18.85
C SER A 1020 36.82 -24.06 18.11
N ILE A 1021 37.98 -24.41 18.70
CA ILE A 1021 38.75 -25.56 18.23
C ILE A 1021 37.92 -26.83 18.36
N ALA A 1022 37.21 -26.97 19.48
CA ALA A 1022 36.39 -28.16 19.69
C ALA A 1022 35.20 -28.18 18.74
N ASP A 1023 34.57 -27.03 18.51
CA ASP A 1023 33.47 -26.97 17.55
C ASP A 1023 33.95 -27.32 16.15
N SER A 1024 35.17 -26.91 15.80
CA SER A 1024 35.70 -27.17 14.46
C SER A 1024 36.04 -28.65 14.28
N LYS A 1025 36.48 -29.32 15.34
CA LYS A 1025 36.78 -30.74 15.25
C LYS A 1025 35.52 -31.56 15.00
N LYS A 1026 34.46 -31.28 15.76
CA LYS A 1026 33.20 -31.99 15.56
C LYS A 1026 32.62 -31.73 14.17
N PHE A 1027 32.87 -30.53 13.63
CA PHE A 1027 32.48 -30.26 12.24
C PHE A 1027 33.22 -31.18 11.28
N ILE A 1028 34.54 -31.28 11.42
CA ILE A 1028 35.32 -32.09 10.50
C ILE A 1028 34.95 -33.57 10.63
N SER A 1029 34.69 -34.03 11.85
CA SER A 1029 34.35 -35.44 12.06
C SER A 1029 32.96 -35.79 11.55
N SER A 1030 32.08 -34.80 11.40
CA SER A 1030 30.71 -35.06 10.94
C SER A 1030 30.63 -35.40 9.46
N PHE A 1031 31.69 -35.14 8.70
CA PHE A 1031 31.75 -35.60 7.32
C PHE A 1031 31.95 -37.10 7.25
N ASP A 1032 31.51 -37.70 6.15
CA ASP A 1032 31.74 -39.13 5.95
C ASP A 1032 33.14 -39.40 5.43
N ARG A 1033 33.72 -38.46 4.68
CA ARG A 1033 35.07 -38.60 4.17
C ARG A 1033 35.58 -37.24 3.73
N ILE A 1034 36.88 -37.01 3.91
CA ILE A 1034 37.58 -35.88 3.33
C ILE A 1034 38.88 -36.40 2.73
N MET A 1035 39.02 -36.32 1.41
CA MET A 1035 40.16 -36.92 0.74
C MET A 1035 40.58 -36.07 -0.43
N TYR A 1036 41.84 -36.25 -0.84
CA TYR A 1036 42.35 -35.66 -2.06
C TYR A 1036 42.16 -36.62 -3.22
N VAL A 1037 41.77 -36.08 -4.37
CA VAL A 1037 41.47 -36.90 -5.54
C VAL A 1037 42.53 -36.61 -6.60
N PRO A 1038 43.60 -37.40 -6.68
CA PRO A 1038 44.70 -37.06 -7.59
C PRO A 1038 44.30 -37.02 -9.06
N GLU A 1039 43.49 -37.96 -9.52
CA GLU A 1039 43.08 -38.02 -10.91
C GLU A 1039 42.20 -36.84 -11.33
N GLU A 1040 41.79 -35.99 -10.38
CA GLU A 1040 41.01 -34.80 -10.68
C GLU A 1040 41.63 -33.53 -10.15
N ASP A 1041 42.64 -33.61 -9.28
CA ASP A 1041 43.23 -32.45 -8.60
C ASP A 1041 42.15 -31.67 -7.86
N LEU A 1042 41.36 -32.40 -7.06
CA LEU A 1042 40.28 -31.80 -6.29
C LEU A 1042 40.23 -32.47 -4.92
N PHE A 1043 39.74 -31.70 -3.94
CA PHE A 1043 39.44 -32.22 -2.61
C PHE A 1043 37.95 -32.52 -2.52
N GLU A 1044 37.62 -33.74 -2.12
CA GLU A 1044 36.23 -34.20 -2.07
C GLU A 1044 35.78 -34.33 -0.62
N PHE A 1045 34.64 -33.72 -0.31
CA PHE A 1045 34.05 -33.74 1.03
C PHE A 1045 32.70 -34.45 0.94
N ALA A 1046 32.71 -35.77 1.14
CA ALA A 1046 31.46 -36.51 1.21
C ALA A 1046 30.78 -36.25 2.54
N LEU A 1047 29.50 -35.86 2.49
CA LEU A 1047 28.73 -35.64 3.71
C LEU A 1047 27.32 -36.15 3.54
N ASP A 1048 26.75 -36.60 4.65
CA ASP A 1048 25.32 -36.84 4.78
C ASP A 1048 24.77 -35.72 5.67
N TYR A 1049 23.81 -34.96 5.14
CA TYR A 1049 23.25 -33.85 5.90
C TYR A 1049 22.63 -34.28 7.22
N LYS A 1050 22.32 -35.58 7.37
CA LYS A 1050 21.76 -36.07 8.62
C LYS A 1050 22.72 -35.89 9.80
N ASN A 1051 24.02 -35.81 9.53
CA ASN A 1051 25.03 -35.70 10.57
C ASN A 1051 25.31 -34.25 10.97
N PHE A 1052 24.53 -33.30 10.45
CA PHE A 1052 24.65 -31.91 10.84
C PHE A 1052 23.29 -31.42 11.32
N SER A 1053 23.29 -30.27 11.98
CA SER A 1053 22.08 -29.73 12.57
C SER A 1053 21.45 -28.70 11.64
N ARG A 1054 20.13 -28.52 11.79
CA ARG A 1054 19.35 -27.63 10.93
C ARG A 1054 19.45 -28.02 9.46
N THR A 1055 19.34 -29.32 9.18
CA THR A 1055 19.44 -29.84 7.81
C THR A 1055 18.19 -30.62 7.40
N ASP A 1056 17.05 -30.39 8.07
CA ASP A 1056 15.86 -31.18 7.81
C ASP A 1056 15.29 -30.95 6.41
N ALA A 1057 15.47 -29.75 5.87
CA ALA A 1057 14.80 -29.40 4.62
C ALA A 1057 15.34 -30.18 3.43
N ASP A 1058 16.66 -30.41 3.40
CA ASP A 1058 17.27 -31.07 2.27
C ASP A 1058 16.68 -32.46 2.05
N TYR A 1059 16.61 -32.88 0.80
CA TYR A 1059 15.93 -34.11 0.43
C TYR A 1059 16.88 -35.23 0.03
N ILE A 1060 17.91 -34.91 -0.77
CA ILE A 1060 18.87 -35.93 -1.19
C ILE A 1060 19.75 -36.35 -0.03
N LYS A 1061 20.13 -35.38 0.83
CA LYS A 1061 20.89 -35.59 2.05
C LYS A 1061 22.36 -35.88 1.78
N LYS A 1062 22.65 -36.90 0.98
CA LYS A 1062 24.03 -37.29 0.70
C LYS A 1062 24.57 -36.51 -0.49
N TRP A 1063 25.60 -35.72 -0.24
CA TRP A 1063 26.27 -34.92 -1.27
C TRP A 1063 27.77 -35.13 -1.17
N LYS A 1064 28.45 -34.97 -2.30
CA LYS A 1064 29.91 -34.94 -2.33
C LYS A 1064 30.35 -33.56 -2.82
N LEU A 1065 30.88 -32.77 -1.89
CA LEU A 1065 31.41 -31.45 -2.22
C LEU A 1065 32.79 -31.58 -2.84
N TYR A 1066 33.15 -30.58 -3.65
CA TYR A 1066 34.46 -30.52 -4.28
C TYR A 1066 34.97 -29.10 -4.20
N SER A 1067 36.28 -28.96 -4.01
CA SER A 1067 36.93 -27.64 -4.06
C SER A 1067 37.28 -27.31 -5.50
N TYR A 1068 36.23 -27.09 -6.29
CA TYR A 1068 36.34 -26.84 -7.72
C TYR A 1068 36.30 -25.36 -8.00
N GLY A 1069 37.24 -24.88 -8.82
CA GLY A 1069 37.23 -23.52 -9.29
C GLY A 1069 37.62 -22.51 -8.22
N ASN A 1070 37.35 -21.24 -8.56
CA ASN A 1070 37.72 -20.11 -7.72
C ASN A 1070 36.50 -19.53 -7.01
N ARG A 1071 36.78 -18.74 -5.97
CA ARG A 1071 35.78 -17.98 -5.25
C ARG A 1071 36.29 -16.56 -5.08
N ILE A 1072 35.44 -15.69 -4.52
CA ILE A 1072 35.80 -14.31 -4.26
C ILE A 1072 35.57 -14.03 -2.80
N ARG A 1073 36.65 -13.86 -2.05
CA ARG A 1073 36.59 -13.56 -0.62
C ARG A 1073 36.41 -12.07 -0.40
N ILE A 1074 35.56 -11.71 0.56
CA ILE A 1074 35.31 -10.31 0.86
C ILE A 1074 35.56 -10.02 2.33
N ASP A 1085 39.29 -5.84 1.49
CA ASP A 1085 38.35 -5.78 0.37
C ASP A 1085 38.12 -7.17 -0.21
N TRP A 1086 38.55 -7.39 -1.45
CA TRP A 1086 38.31 -8.66 -2.13
C TRP A 1086 39.60 -9.22 -2.72
N GLU A 1087 39.62 -10.55 -2.86
CA GLU A 1087 40.70 -11.28 -3.49
C GLU A 1087 40.12 -12.53 -4.14
N GLU A 1088 40.73 -12.96 -5.25
CA GLU A 1088 40.34 -14.21 -5.86
C GLU A 1088 41.11 -15.36 -5.21
N VAL A 1089 40.38 -16.41 -4.85
CA VAL A 1089 40.95 -17.56 -4.15
C VAL A 1089 40.71 -18.80 -4.99
N CYS A 1090 41.79 -19.50 -5.32
CA CYS A 1090 41.70 -20.81 -5.95
C CYS A 1090 41.59 -21.86 -4.85
N LEU A 1091 40.45 -22.56 -4.81
CA LEU A 1091 40.13 -23.39 -3.65
C LEU A 1091 41.13 -24.53 -3.47
N THR A 1092 41.40 -25.28 -4.53
CA THR A 1092 42.26 -26.46 -4.41
C THR A 1092 43.65 -26.07 -3.91
N SER A 1093 44.25 -25.04 -4.51
CA SER A 1093 45.59 -24.64 -4.10
C SER A 1093 45.60 -24.00 -2.72
N ALA A 1094 44.50 -23.35 -2.33
CA ALA A 1094 44.43 -22.76 -0.99
C ALA A 1094 44.32 -23.82 0.09
N TYR A 1095 43.66 -24.94 -0.22
CA TYR A 1095 43.63 -26.06 0.73
C TYR A 1095 45.01 -26.69 0.86
N LYS A 1096 45.70 -26.91 -0.26
CA LYS A 1096 47.07 -27.40 -0.23
C LYS A 1096 47.97 -26.44 0.56
N GLU A 1097 47.80 -25.14 0.34
CA GLU A 1097 48.60 -24.15 1.06
C GLU A 1097 48.35 -24.22 2.56
N LEU A 1098 47.08 -24.35 2.96
CA LEU A 1098 46.76 -24.46 4.38
C LEU A 1098 47.35 -25.73 4.98
N PHE A 1099 47.19 -26.87 4.29
CA PHE A 1099 47.63 -28.14 4.84
C PHE A 1099 49.16 -28.20 4.92
N ASN A 1100 49.84 -27.64 3.92
CA ASN A 1100 51.30 -27.62 3.92
C ASN A 1100 51.83 -26.72 5.04
N LYS A 1101 51.11 -25.64 5.37
CA LYS A 1101 51.53 -24.78 6.47
C LYS A 1101 51.60 -25.54 7.79
N TYR A 1102 50.82 -26.61 7.94
CA TYR A 1102 50.74 -27.35 9.19
C TYR A 1102 51.19 -28.79 9.06
N GLY A 1103 51.87 -29.15 7.97
CA GLY A 1103 52.44 -30.47 7.84
C GLY A 1103 51.45 -31.60 7.74
N ILE A 1104 50.25 -31.34 7.23
CA ILE A 1104 49.27 -32.39 7.00
C ILE A 1104 49.55 -33.04 5.65
N ASN A 1105 49.59 -34.37 5.64
CA ASN A 1105 49.73 -35.13 4.39
C ASN A 1105 48.32 -35.39 3.86
N TYR A 1106 47.90 -34.57 2.90
CA TYR A 1106 46.53 -34.67 2.37
C TYR A 1106 46.38 -35.73 1.29
N GLN A 1107 47.48 -36.31 0.80
CA GLN A 1107 47.38 -37.36 -0.20
C GLN A 1107 47.11 -38.72 0.42
N GLN A 1108 47.25 -38.86 1.74
CA GLN A 1108 47.12 -40.14 2.42
C GLN A 1108 45.65 -40.45 2.68
N GLY A 1109 44.96 -40.82 1.59
CA GLY A 1109 43.58 -41.28 1.65
C GLY A 1109 42.63 -40.38 2.42
N ASP A 1110 41.99 -40.94 3.46
CA ASP A 1110 41.11 -40.17 4.32
C ASP A 1110 41.94 -39.29 5.24
N ILE A 1111 41.63 -37.99 5.28
CA ILE A 1111 42.47 -37.03 6.00
C ILE A 1111 41.84 -36.61 7.32
N ARG A 1112 40.53 -36.79 7.48
CA ARG A 1112 39.75 -36.37 8.65
C ARG A 1112 40.46 -36.55 9.98
N ALA A 1113 41.17 -37.66 10.18
CA ALA A 1113 41.94 -37.85 11.40
C ALA A 1113 43.04 -36.81 11.51
N LEU A 1114 43.76 -36.56 10.41
CA LEU A 1114 44.89 -35.63 10.45
C LEU A 1114 44.46 -34.23 10.85
N LEU A 1115 43.38 -33.72 10.25
CA LEU A 1115 42.96 -32.36 10.57
C LEU A 1115 42.57 -32.23 12.03
N CYS A 1116 41.84 -33.22 12.55
CA CYS A 1116 41.43 -33.18 13.95
C CYS A 1116 42.63 -33.33 14.88
N GLU A 1117 43.67 -34.04 14.45
CA GLU A 1117 44.87 -34.18 15.27
C GLU A 1117 45.53 -32.82 15.50
N GLN A 1118 45.48 -31.93 14.51
CA GLN A 1118 46.11 -30.63 14.63
C GLN A 1118 45.53 -29.85 15.81
N SER A 1119 46.42 -29.17 16.54
CA SER A 1119 46.05 -28.50 17.78
C SER A 1119 46.07 -26.98 17.68
N ASP A 1120 46.32 -26.42 16.50
CA ASP A 1120 46.46 -24.98 16.35
C ASP A 1120 45.12 -24.37 15.95
N LYS A 1121 44.74 -23.29 16.64
CA LYS A 1121 43.46 -22.65 16.37
C LYS A 1121 43.48 -21.88 15.05
N ALA A 1122 44.64 -21.35 14.65
CA ALA A 1122 44.73 -20.65 13.38
C ALA A 1122 44.53 -21.60 12.20
N PHE A 1123 44.77 -22.90 12.41
CA PHE A 1123 44.45 -23.88 11.37
C PHE A 1123 42.94 -24.01 11.18
N TYR A 1124 42.20 -24.22 12.26
CA TYR A 1124 40.76 -24.44 12.14
C TYR A 1124 40.04 -23.19 11.65
N SER A 1125 40.61 -22.00 11.89
CA SER A 1125 39.97 -20.78 11.40
C SER A 1125 40.19 -20.62 9.90
N SER A 1126 41.38 -20.90 9.40
CA SER A 1126 41.60 -20.92 7.96
C SER A 1126 40.84 -22.06 7.29
N PHE A 1127 40.61 -23.15 8.02
CA PHE A 1127 39.87 -24.27 7.45
C PHE A 1127 38.38 -23.95 7.32
N MET A 1128 37.75 -23.51 8.41
CA MET A 1128 36.36 -23.09 8.35
C MET A 1128 36.15 -21.97 7.34
N ALA A 1129 37.11 -21.03 7.26
CA ALA A 1129 37.04 -19.99 6.25
C ALA A 1129 37.07 -20.57 4.84
N LEU A 1130 37.90 -21.59 4.63
CA LEU A 1130 37.97 -22.23 3.32
C LEU A 1130 36.71 -23.04 3.02
N MET A 1131 36.10 -23.62 4.06
CA MET A 1131 34.79 -24.25 3.87
C MET A 1131 33.73 -23.21 3.50
N SER A 1132 33.78 -22.04 4.14
CA SER A 1132 32.85 -20.97 3.81
C SER A 1132 32.92 -20.61 2.33
N LEU A 1133 34.14 -20.48 1.80
CA LEU A 1133 34.31 -20.07 0.42
C LEU A 1133 33.83 -21.16 -0.54
N MET A 1134 34.14 -22.42 -0.25
CA MET A 1134 33.72 -23.50 -1.13
C MET A 1134 32.19 -23.60 -1.21
N LEU A 1135 31.51 -23.35 -0.08
CA LEU A 1135 30.06 -23.38 -0.04
C LEU A 1135 29.42 -22.05 -0.43
N GLN A 1136 30.24 -21.03 -0.71
CA GLN A 1136 29.74 -19.74 -1.19
C GLN A 1136 29.54 -19.85 -2.69
N MET A 1137 28.31 -20.19 -3.09
CA MET A 1137 28.00 -20.40 -4.50
C MET A 1137 27.85 -19.10 -5.28
N ARG A 1138 27.52 -18.01 -4.61
CA ARG A 1138 27.35 -16.71 -5.24
C ARG A 1138 28.60 -15.89 -4.99
N ASN A 1139 29.17 -15.33 -6.06
CA ASN A 1139 30.41 -14.58 -5.94
C ASN A 1139 30.30 -13.29 -6.74
N SER A 1140 30.60 -12.17 -6.08
CA SER A 1140 30.38 -10.87 -6.68
C SER A 1140 31.44 -9.88 -6.20
N ILE A 1141 31.74 -8.91 -7.06
CA ILE A 1141 32.53 -7.74 -6.71
C ILE A 1141 31.64 -6.52 -6.84
N THR A 1142 31.39 -5.84 -5.73
CA THR A 1142 30.57 -4.64 -5.76
C THR A 1142 31.25 -3.57 -6.60
N GLY A 1143 30.50 -2.96 -7.50
CA GLY A 1143 31.05 -2.03 -8.47
C GLY A 1143 31.57 -2.67 -9.73
N ARG A 1144 31.60 -3.99 -9.80
CA ARG A 1144 32.02 -4.73 -10.98
C ARG A 1144 30.82 -5.55 -11.47
N THR A 1145 29.97 -4.92 -12.30
CA THR A 1145 28.79 -5.60 -12.82
C THR A 1145 29.14 -6.78 -13.71
N ASP A 1146 30.41 -6.92 -14.10
CA ASP A 1146 30.83 -8.08 -14.88
C ASP A 1146 30.85 -9.35 -14.03
N VAL A 1147 31.13 -9.22 -12.73
CA VAL A 1147 31.41 -10.35 -11.87
C VAL A 1147 30.23 -10.53 -10.93
N ASP A 1148 29.35 -11.47 -11.27
CA ASP A 1148 28.22 -11.87 -10.44
C ASP A 1148 27.98 -13.36 -10.58
N PHE A 1149 29.06 -14.14 -10.68
CA PHE A 1149 28.91 -15.50 -11.14
C PHE A 1149 28.44 -16.42 -10.01
N LEU A 1150 27.81 -17.52 -10.42
CA LEU A 1150 27.31 -18.55 -9.52
C LEU A 1150 27.96 -19.87 -9.90
N ILE A 1151 28.60 -20.51 -8.93
CA ILE A 1151 29.35 -21.74 -9.16
C ILE A 1151 29.04 -22.75 -8.07
N SER A 1152 28.87 -24.02 -8.47
CA SER A 1152 28.40 -25.10 -7.61
C SER A 1152 29.56 -25.97 -7.15
N PRO A 1153 29.60 -26.37 -5.89
CA PRO A 1153 30.64 -27.31 -5.45
C PRO A 1153 30.21 -28.76 -5.60
N VAL A 1154 29.18 -29.00 -6.40
CA VAL A 1154 28.54 -30.31 -6.53
C VAL A 1154 28.37 -30.64 -8.01
N LYS A 1155 28.65 -31.90 -8.36
CA LYS A 1155 28.47 -32.38 -9.72
C LYS A 1155 27.02 -32.79 -9.96
N ASN A 1156 26.62 -32.75 -11.23
CA ASN A 1156 25.27 -33.11 -11.64
C ASN A 1156 25.24 -34.58 -12.08
N SER A 1157 24.22 -34.96 -12.86
CA SER A 1157 24.10 -36.35 -13.30
C SER A 1157 25.27 -36.77 -14.18
N ASP A 1158 25.78 -35.85 -15.00
CA ASP A 1158 26.87 -36.14 -15.92
C ASP A 1158 28.21 -35.64 -15.41
N GLY A 1159 28.37 -35.50 -14.09
CA GLY A 1159 29.65 -35.13 -13.52
C GLY A 1159 30.15 -33.75 -13.91
N ILE A 1160 29.26 -32.82 -14.22
CA ILE A 1160 29.62 -31.46 -14.56
C ILE A 1160 29.26 -30.55 -13.38
N PHE A 1161 30.12 -29.59 -13.09
CA PHE A 1161 29.82 -28.56 -12.11
C PHE A 1161 29.07 -27.42 -12.78
N TYR A 1162 28.02 -26.93 -12.11
CA TYR A 1162 27.30 -25.79 -12.63
C TYR A 1162 28.16 -24.53 -12.46
N ASP A 1163 28.42 -23.84 -13.56
CA ASP A 1163 29.11 -22.56 -13.53
C ASP A 1163 28.30 -21.60 -14.37
N SER A 1164 27.80 -20.53 -13.74
CA SER A 1164 26.90 -19.61 -14.43
C SER A 1164 27.58 -18.90 -15.59
N ARG A 1165 28.91 -18.78 -15.55
CA ARG A 1165 29.65 -18.12 -16.61
C ARG A 1165 29.65 -18.94 -17.91
N ASN A 1166 29.46 -20.26 -17.82
CA ASN A 1166 29.34 -21.06 -19.03
C ASN A 1166 28.08 -20.74 -19.82
N TYR A 1167 27.09 -20.11 -19.18
CA TYR A 1167 25.83 -19.79 -19.82
C TYR A 1167 25.63 -18.30 -20.12
N GLU A 1168 26.28 -17.42 -19.35
CA GLU A 1168 26.24 -16.00 -19.66
C GLU A 1168 26.92 -15.69 -20.98
N ALA A 1169 27.84 -16.56 -21.43
CA ALA A 1169 28.43 -16.39 -22.76
C ALA A 1169 27.39 -16.61 -23.84
N GLN A 1170 26.55 -17.62 -23.68
CA GLN A 1170 25.60 -18.01 -24.72
C GLN A 1170 24.51 -16.94 -24.90
N GLU A 1171 23.90 -16.95 -26.08
CA GLU A 1171 22.79 -16.04 -26.35
C GLU A 1171 21.48 -16.60 -25.81
N ASN A 1172 21.17 -17.85 -26.11
CA ASN A 1172 20.06 -18.58 -25.49
C ASN A 1172 20.66 -19.66 -24.60
N ALA A 1173 20.55 -19.46 -23.29
CA ALA A 1173 21.08 -20.41 -22.32
C ALA A 1173 19.94 -21.21 -21.71
N ILE A 1174 20.19 -22.49 -21.44
CA ILE A 1174 19.16 -23.34 -20.85
C ILE A 1174 19.13 -23.21 -19.33
N LEU A 1175 20.22 -22.76 -18.72
CA LEU A 1175 20.28 -22.55 -17.27
C LEU A 1175 20.52 -21.07 -16.99
N PRO A 1176 20.31 -20.61 -15.76
CA PRO A 1176 20.43 -19.17 -15.48
C PRO A 1176 21.81 -18.62 -15.84
N LYS A 1177 21.81 -17.38 -16.33
CA LYS A 1177 23.03 -16.73 -16.80
C LYS A 1177 23.80 -16.03 -15.68
N ASN A 1178 23.19 -15.82 -14.52
CA ASN A 1178 23.86 -15.21 -13.38
C ASN A 1178 23.03 -15.46 -12.14
N ALA A 1179 23.46 -14.87 -11.02
CA ALA A 1179 22.74 -15.04 -9.76
C ALA A 1179 21.35 -14.42 -9.84
N ASP A 1180 21.24 -13.26 -10.48
CA ASP A 1180 19.94 -12.60 -10.59
C ASP A 1180 18.98 -13.42 -11.44
N ALA A 1181 19.48 -14.00 -12.54
CA ALA A 1181 18.63 -14.86 -13.36
C ALA A 1181 18.21 -16.11 -12.59
N ASN A 1182 19.11 -16.66 -11.78
CA ASN A 1182 18.79 -17.83 -10.98
C ASN A 1182 17.59 -17.57 -10.07
N GLY A 1183 17.51 -16.38 -9.48
CA GLY A 1183 16.39 -16.06 -8.61
C GLY A 1183 15.07 -16.07 -9.34
N ALA A 1184 15.00 -15.36 -10.48
CA ALA A 1184 13.77 -15.32 -11.25
C ALA A 1184 13.42 -16.70 -11.79
N TYR A 1185 14.42 -17.45 -12.25
CA TYR A 1185 14.23 -18.84 -12.66
C TYR A 1185 13.56 -19.66 -11.55
N ASN A 1186 14.05 -19.51 -10.33
CA ASN A 1186 13.60 -20.39 -9.25
C ASN A 1186 12.31 -19.91 -8.62
N ILE A 1187 12.03 -18.60 -8.65
CA ILE A 1187 10.69 -18.13 -8.30
C ILE A 1187 9.67 -18.74 -9.23
N ALA A 1188 9.99 -18.83 -10.52
CA ALA A 1188 9.06 -19.41 -11.48
C ALA A 1188 8.88 -20.91 -11.25
N ARG A 1189 9.94 -21.60 -10.84
CA ARG A 1189 9.86 -23.05 -10.63
C ARG A 1189 8.94 -23.41 -9.47
N LYS A 1190 8.79 -22.51 -8.49
CA LYS A 1190 7.90 -22.81 -7.37
C LYS A 1190 6.44 -22.72 -7.80
N VAL A 1191 6.14 -21.96 -8.85
CA VAL A 1191 4.80 -22.03 -9.44
C VAL A 1191 4.62 -23.37 -10.14
N LEU A 1192 5.67 -23.84 -10.83
CA LEU A 1192 5.60 -25.15 -11.49
C LEU A 1192 5.28 -26.25 -10.48
N TRP A 1193 5.95 -26.23 -9.33
CA TRP A 1193 5.57 -27.12 -8.24
C TRP A 1193 4.09 -26.97 -7.90
N ALA A 1194 3.63 -25.72 -7.81
CA ALA A 1194 2.24 -25.46 -7.48
C ALA A 1194 1.30 -25.95 -8.57
N ILE A 1195 1.71 -25.87 -9.83
CA ILE A 1195 0.92 -26.48 -10.89
C ILE A 1195 0.96 -28.00 -10.77
N GLY A 1196 2.11 -28.54 -10.35
CA GLY A 1196 2.18 -29.97 -10.08
C GLY A 1196 1.18 -30.41 -9.02
N GLN A 1197 0.91 -29.55 -8.05
CA GLN A 1197 -0.08 -29.87 -7.03
C GLN A 1197 -1.49 -29.85 -7.59
N PHE A 1198 -1.76 -29.00 -8.58
CA PHE A 1198 -3.08 -28.99 -9.22
C PHE A 1198 -3.33 -30.30 -9.95
N LYS A 1199 -2.37 -30.71 -10.78
CA LYS A 1199 -2.52 -31.93 -11.56
C LYS A 1199 -2.69 -33.17 -10.67
N LYS A 1200 -2.39 -33.05 -9.38
CA LYS A 1200 -2.62 -34.13 -8.43
C LYS A 1200 -4.06 -34.20 -7.95
N ALA A 1201 -4.79 -33.09 -7.99
CA ALA A 1201 -6.10 -33.00 -7.35
C ALA A 1201 -7.23 -33.20 -8.34
N GLU A 1202 -8.44 -33.36 -7.80
CA GLU A 1202 -9.63 -33.43 -8.61
C GLU A 1202 -10.09 -32.03 -8.98
N ASP A 1203 -10.80 -31.93 -10.12
CA ASP A 1203 -11.27 -30.63 -10.59
C ASP A 1203 -12.09 -29.91 -9.51
N GLU A 1204 -12.91 -30.65 -8.77
CA GLU A 1204 -13.75 -30.04 -7.75
C GLU A 1204 -12.96 -29.51 -6.57
N LYS A 1205 -11.87 -30.20 -6.22
CA LYS A 1205 -11.09 -29.86 -5.03
C LYS A 1205 -9.88 -29.00 -5.36
N LEU A 1206 -9.83 -28.43 -6.56
CA LEU A 1206 -8.74 -27.54 -6.93
C LEU A 1206 -8.76 -26.27 -6.08
N ASP A 1207 -9.96 -25.83 -5.68
CA ASP A 1207 -10.07 -24.74 -4.72
C ASP A 1207 -9.32 -25.05 -3.44
N LYS A 1208 -9.36 -26.32 -3.00
CA LYS A 1208 -8.81 -26.69 -1.70
C LYS A 1208 -7.29 -26.71 -1.72
N VAL A 1209 -6.68 -26.94 -2.89
CA VAL A 1209 -5.22 -27.10 -2.97
C VAL A 1209 -4.54 -25.89 -2.37
N LYS A 1210 -3.53 -26.13 -1.55
CA LYS A 1210 -2.79 -25.09 -0.85
C LYS A 1210 -1.53 -24.77 -1.67
N ILE A 1211 -1.38 -23.49 -2.01
CA ILE A 1211 -0.33 -23.08 -2.95
C ILE A 1211 1.00 -22.90 -2.24
N ALA A 1212 0.98 -22.33 -1.04
CA ALA A 1212 2.20 -21.96 -0.33
C ALA A 1212 3.15 -23.14 -0.22
N ILE A 1213 4.35 -22.96 -0.75
CA ILE A 1213 5.36 -24.01 -0.76
C ILE A 1213 6.27 -23.83 0.44
N SER A 1214 6.63 -24.95 1.07
CA SER A 1214 7.54 -24.93 2.21
C SER A 1214 8.96 -25.17 1.73
N ASN A 1215 9.93 -24.79 2.59
CA ASN A 1215 11.34 -25.03 2.26
C ASN A 1215 11.63 -26.51 2.08
N LYS A 1216 10.89 -27.38 2.78
CA LYS A 1216 11.08 -28.81 2.59
C LYS A 1216 10.52 -29.27 1.25
N GLU A 1217 9.28 -28.86 0.93
CA GLU A 1217 8.71 -29.21 -0.36
C GLU A 1217 9.55 -28.66 -1.50
N TRP A 1218 10.06 -27.44 -1.34
CA TRP A 1218 10.84 -26.80 -2.41
C TRP A 1218 12.12 -27.57 -2.70
N LEU A 1219 12.90 -27.85 -1.65
CA LEU A 1219 14.17 -28.55 -1.85
C LEU A 1219 13.94 -29.94 -2.44
N GLU A 1220 12.85 -30.61 -2.07
CA GLU A 1220 12.54 -31.88 -2.70
C GLU A 1220 12.24 -31.71 -4.18
N TYR A 1221 11.49 -30.67 -4.54
CA TYR A 1221 11.19 -30.45 -5.95
C TYR A 1221 12.43 -30.04 -6.72
N ALA A 1222 13.23 -29.13 -6.16
CA ALA A 1222 14.41 -28.64 -6.87
C ALA A 1222 15.44 -29.74 -7.09
N GLN A 1223 15.50 -30.73 -6.19
CA GLN A 1223 16.54 -31.75 -6.26
C GLN A 1223 16.09 -33.02 -6.97
N THR A 1224 14.79 -33.21 -7.20
CA THR A 1224 14.28 -34.35 -7.94
C THR A 1224 13.92 -34.03 -9.38
N SER A 1225 13.35 -32.85 -9.63
CA SER A 1225 12.88 -32.51 -10.96
C SER A 1225 14.02 -32.35 -11.96
N VAL A 1226 15.23 -32.08 -11.48
CA VAL A 1226 16.35 -31.79 -12.37
C VAL A 1226 16.67 -33.00 -13.25
N LYS A 1227 16.51 -34.20 -12.71
CA LYS A 1227 16.96 -35.45 -13.35
C LYS A 1227 18.48 -35.43 -13.54
MG MG E . 1.57 8.94 -27.62
#